data_3RCD
#
_entry.id   3RCD
#
_cell.length_a   50.542
_cell.length_b   64.936
_cell.length_c   92.360
_cell.angle_alpha   90.420
_cell.angle_beta   89.720
_cell.angle_gamma   90.350
#
_symmetry.space_group_name_H-M   'P 1'
#
loop_
_entity.id
_entity.type
_entity.pdbx_description
1 polymer 'Receptor tyrosine-protein kinase erbB-2'
2 non-polymer N-{2-[4-({3-chloro-4-[3-(trifluoromethyl)phenoxy]phenyl}amino)-5H-pyrrolo[3,2-d]pyrimidin-5-yl]ethyl}-3-hydroxy-3-methylbutanamide
3 water water
#
_entity_poly.entity_id   1
_entity_poly.type   'polypeptide(L)'
_entity_poly.pdbx_seq_one_letter_code
;MSGAAPNQALLRILKETELRKVKVLGSGAFGTVYKGIWIPDGENVKIPVAIKVLRENTSPKANKEILDEAYVMAGVGSPY
VSRLLGICLTSTVQLVTQLMPYGCLLDHVRENRGRLGSQDLLNWCMQIAKGMSYLEDVRLVHRDLAARNVLVKSPNHVKI
TDFGLARLLDIDETEYHADGGKVPIKWMALESILRRRFTHQSDVWSYGVTVWELMTFGAKPYDGIPAREIPDLLEKGERL
PQPPICTIDVYMIMVKCWMIDSECRPRFRELVSEFSRMARDPQRFVVIQNEDLGPASPLDSTFYRSLLEDDDMGDLVDAE
EYLVPQQGAAASHHHHHH
;
_entity_poly.pdbx_strand_id   A,B,C,D
#
# COMPACT_ATOMS: atom_id res chain seq x y z
N ALA A 9 -61.41 -1.78 -32.87
CA ALA A 9 -61.85 -1.87 -31.46
C ALA A 9 -63.14 -2.68 -31.41
N LEU A 10 -63.19 -3.72 -30.59
CA LEU A 10 -64.41 -4.54 -30.38
C LEU A 10 -64.33 -5.37 -29.10
N LEU A 11 -65.43 -6.07 -28.81
CA LEU A 11 -65.61 -6.74 -27.52
C LEU A 11 -66.45 -8.03 -27.62
N ARG A 12 -66.01 -9.08 -26.94
CA ARG A 12 -66.63 -10.41 -27.04
C ARG A 12 -67.54 -10.77 -25.86
N ILE A 13 -68.84 -10.82 -26.10
CA ILE A 13 -69.81 -11.15 -25.07
C ILE A 13 -70.06 -12.65 -24.97
N LEU A 14 -69.83 -13.19 -23.78
CA LEU A 14 -70.17 -14.57 -23.51
C LEU A 14 -71.49 -14.65 -22.76
N LYS A 15 -72.38 -15.53 -23.21
CA LYS A 15 -73.63 -15.82 -22.50
C LYS A 15 -73.46 -17.08 -21.65
N GLU A 16 -74.07 -17.06 -20.46
CA GLU A 16 -73.83 -18.09 -19.44
C GLU A 16 -73.92 -19.54 -19.93
N THR A 17 -74.84 -19.82 -20.86
CA THR A 17 -75.06 -21.17 -21.40
C THR A 17 -73.76 -21.83 -21.85
N GLU A 18 -72.83 -21.00 -22.31
CA GLU A 18 -71.50 -21.44 -22.73
C GLU A 18 -70.67 -21.83 -21.53
N LEU A 19 -70.75 -21.02 -20.46
CA LEU A 19 -69.88 -21.19 -19.30
C LEU A 19 -70.37 -22.28 -18.36
N ARG A 20 -69.70 -23.42 -18.38
CA ARG A 20 -70.19 -24.60 -17.71
C ARG A 20 -69.38 -25.14 -16.55
N LYS A 21 -70.10 -25.81 -15.66
CA LYS A 21 -69.60 -26.40 -14.41
C LYS A 21 -68.68 -25.48 -13.62
N VAL A 22 -69.29 -24.52 -12.92
CA VAL A 22 -68.53 -23.40 -12.36
C VAL A 22 -68.39 -23.40 -10.84
N LYS A 23 -67.14 -23.48 -10.39
CA LYS A 23 -66.78 -23.62 -8.98
C LYS A 23 -65.82 -22.52 -8.50
N VAL A 24 -65.99 -22.11 -7.24
CA VAL A 24 -65.24 -21.01 -6.63
C VAL A 24 -63.78 -21.30 -6.33
N LEU A 25 -62.92 -20.29 -6.54
CA LEU A 25 -61.54 -20.34 -6.08
C LEU A 25 -61.42 -19.49 -4.82
N GLY A 26 -61.57 -18.19 -4.96
CA GLY A 26 -61.39 -17.30 -3.81
C GLY A 26 -62.10 -15.97 -3.90
N SER A 27 -62.46 -15.46 -2.74
CA SER A 27 -63.09 -14.15 -2.63
C SER A 27 -62.01 -13.11 -2.29
N GLY A 28 -61.43 -12.49 -3.33
CA GLY A 28 -60.49 -11.37 -3.18
C GLY A 28 -61.21 -10.05 -2.95
N ALA A 29 -60.45 -9.01 -2.58
CA ALA A 29 -61.03 -7.69 -2.32
C ALA A 29 -61.73 -7.07 -3.54
N PHE A 30 -61.13 -7.27 -4.71
CA PHE A 30 -61.72 -6.76 -5.96
C PHE A 30 -62.94 -7.58 -6.38
N GLY A 31 -63.07 -8.79 -5.85
CA GLY A 31 -64.26 -9.61 -6.10
C GLY A 31 -64.01 -11.09 -5.90
N THR A 32 -64.82 -11.92 -6.56
CA THR A 32 -64.72 -13.36 -6.44
C THR A 32 -64.08 -13.95 -7.69
N VAL A 33 -63.36 -15.07 -7.52
CA VAL A 33 -62.76 -15.79 -8.64
C VAL A 33 -63.20 -17.27 -8.65
N TYR A 34 -63.68 -17.73 -9.80
CA TYR A 34 -64.20 -19.09 -9.97
C TYR A 34 -63.34 -19.83 -10.97
N LYS A 35 -63.74 -21.06 -11.31
CA LYS A 35 -63.17 -21.78 -12.46
C LYS A 35 -64.29 -22.51 -13.19
N GLY A 36 -64.02 -22.96 -14.41
CA GLY A 36 -65.04 -23.69 -15.18
C GLY A 36 -64.62 -24.06 -16.58
N ILE A 37 -65.53 -24.69 -17.31
CA ILE A 37 -65.26 -25.07 -18.69
C ILE A 37 -66.02 -24.16 -19.61
N TRP A 38 -65.38 -23.75 -20.69
CA TRP A 38 -65.99 -22.87 -21.67
C TRP A 38 -66.27 -23.60 -22.98
N ILE A 39 -67.51 -23.58 -23.42
CA ILE A 39 -67.87 -24.16 -24.71
C ILE A 39 -68.46 -23.12 -25.66
N PRO A 40 -67.57 -22.38 -26.36
CA PRO A 40 -68.06 -21.42 -27.35
C PRO A 40 -68.92 -22.12 -28.40
N ASP A 41 -69.92 -21.39 -28.90
CA ASP A 41 -70.86 -21.93 -29.88
C ASP A 41 -70.25 -22.08 -31.27
N GLY A 42 -70.60 -23.17 -31.93
CA GLY A 42 -70.12 -23.45 -33.28
C GLY A 42 -68.76 -24.09 -33.25
N GLU A 43 -67.98 -23.75 -32.22
CA GLU A 43 -66.64 -24.31 -31.99
C GLU A 43 -66.75 -25.51 -31.04
N ASN A 44 -66.18 -26.64 -31.45
CA ASN A 44 -66.33 -27.88 -30.70
C ASN A 44 -65.44 -27.96 -29.46
N VAL A 45 -64.67 -26.91 -29.23
CA VAL A 45 -63.68 -26.86 -28.16
C VAL A 45 -64.30 -26.76 -26.76
N LYS A 46 -63.59 -27.33 -25.80
CA LYS A 46 -63.85 -27.13 -24.38
C LYS A 46 -62.66 -26.38 -23.82
N ILE A 47 -62.88 -25.32 -23.06
CA ILE A 47 -61.76 -24.53 -22.56
C ILE A 47 -61.80 -24.22 -21.05
N PRO A 48 -60.74 -24.61 -20.30
CA PRO A 48 -60.67 -24.35 -18.87
C PRO A 48 -60.35 -22.89 -18.60
N VAL A 49 -61.26 -22.21 -17.92
CA VAL A 49 -61.22 -20.76 -17.82
C VAL A 49 -61.22 -20.27 -16.38
N ALA A 50 -60.72 -19.06 -16.19
CA ALA A 50 -60.81 -18.36 -14.92
C ALA A 50 -61.80 -17.21 -15.07
N ILE A 51 -62.80 -17.17 -14.18
CA ILE A 51 -63.83 -16.15 -14.23
C ILE A 51 -63.75 -15.22 -13.02
N LYS A 52 -63.53 -13.93 -13.27
CA LYS A 52 -63.60 -12.96 -12.19
C LYS A 52 -64.93 -12.18 -12.24
N VAL A 53 -65.54 -12.00 -11.07
CA VAL A 53 -66.78 -11.27 -10.92
C VAL A 53 -66.61 -10.20 -9.84
N LEU A 54 -66.49 -8.95 -10.25
CA LEU A 54 -66.17 -7.86 -9.31
C LEU A 54 -67.37 -7.36 -8.51
N ARG A 55 -67.16 -6.27 -7.79
CA ARG A 55 -68.21 -5.64 -7.01
C ARG A 55 -68.34 -4.14 -7.31
N PRO A 60 -70.22 5.78 -9.19
CA PRO A 60 -70.93 5.96 -10.45
C PRO A 60 -69.99 5.92 -11.65
N LYS A 61 -68.92 6.71 -11.61
CA LYS A 61 -67.98 6.84 -12.73
C LYS A 61 -66.81 5.86 -12.65
N ALA A 62 -66.98 4.82 -11.83
CA ALA A 62 -66.07 3.68 -11.81
C ALA A 62 -66.43 2.73 -12.95
N ASN A 63 -67.72 2.61 -13.23
CA ASN A 63 -68.24 1.69 -14.25
C ASN A 63 -67.83 2.04 -15.67
N LYS A 64 -67.91 3.34 -16.00
CA LYS A 64 -67.53 3.82 -17.33
C LYS A 64 -66.04 3.58 -17.55
N GLU A 65 -65.31 3.49 -16.45
CA GLU A 65 -63.91 3.16 -16.45
C GLU A 65 -63.72 1.73 -16.91
N ILE A 66 -64.72 0.87 -16.62
CA ILE A 66 -64.64 -0.57 -16.94
C ILE A 66 -64.71 -0.89 -18.45
N LEU A 67 -64.84 0.14 -19.29
CA LEU A 67 -64.81 -0.04 -20.75
C LEU A 67 -63.40 0.10 -21.34
N ASP A 68 -62.89 1.33 -21.31
CA ASP A 68 -61.63 1.73 -21.94
C ASP A 68 -60.48 0.85 -21.46
N GLU A 69 -60.62 0.39 -20.21
CA GLU A 69 -59.77 -0.60 -19.58
C GLU A 69 -59.64 -1.88 -20.45
N ALA A 70 -60.72 -2.67 -20.50
CA ALA A 70 -60.74 -4.02 -21.12
C ALA A 70 -60.85 -4.01 -22.65
N TYR A 71 -61.17 -2.85 -23.22
CA TYR A 71 -61.12 -2.65 -24.67
C TYR A 71 -59.67 -2.71 -25.14
N VAL A 72 -58.76 -2.18 -24.31
CA VAL A 72 -57.31 -2.31 -24.52
C VAL A 72 -56.88 -3.79 -24.53
N MET A 73 -57.80 -4.67 -24.13
CA MET A 73 -57.54 -6.11 -24.12
C MET A 73 -57.77 -6.74 -25.50
N ALA A 74 -58.26 -5.93 -26.44
CA ALA A 74 -58.15 -6.26 -27.85
C ALA A 74 -56.67 -6.10 -28.26
N GLY A 75 -56.25 -6.75 -29.33
CA GLY A 75 -54.85 -6.66 -29.77
C GLY A 75 -54.08 -7.96 -29.58
N VAL A 76 -52.74 -7.85 -29.60
CA VAL A 76 -51.89 -9.03 -29.60
C VAL A 76 -51.13 -9.27 -28.29
N GLY A 77 -51.78 -9.96 -27.35
CA GLY A 77 -51.23 -10.24 -26.01
C GLY A 77 -49.88 -10.95 -26.03
N SER A 78 -48.96 -10.47 -25.20
CA SER A 78 -47.64 -11.08 -25.03
C SER A 78 -47.71 -12.45 -24.36
N PRO A 79 -46.81 -13.36 -24.76
CA PRO A 79 -46.69 -14.67 -24.15
C PRO A 79 -46.63 -14.62 -22.62
N TYR A 80 -46.31 -13.46 -22.08
CA TYR A 80 -46.07 -13.31 -20.65
C TYR A 80 -47.13 -12.46 -20.00
N VAL A 81 -48.18 -12.15 -20.77
CA VAL A 81 -49.32 -11.42 -20.23
C VAL A 81 -50.61 -12.22 -20.32
N SER A 82 -51.35 -12.25 -19.22
CA SER A 82 -52.63 -12.94 -19.18
C SER A 82 -53.63 -12.24 -20.12
N ARG A 83 -54.20 -13.01 -21.03
CA ARG A 83 -55.04 -12.48 -22.08
C ARG A 83 -56.53 -12.76 -21.85
N LEU A 84 -57.31 -11.69 -21.84
CA LEU A 84 -58.76 -11.77 -21.64
C LEU A 84 -59.47 -12.40 -22.85
N LEU A 85 -60.42 -13.28 -22.58
CA LEU A 85 -61.18 -13.92 -23.65
C LEU A 85 -62.44 -13.14 -24.00
N GLY A 86 -63.15 -12.69 -22.97
CA GLY A 86 -64.38 -11.97 -23.16
C GLY A 86 -65.16 -11.97 -21.87
N ILE A 87 -66.39 -11.47 -21.94
CA ILE A 87 -67.17 -11.15 -20.75
C ILE A 87 -68.54 -11.76 -20.76
N CYS A 88 -68.92 -12.34 -19.63
CA CYS A 88 -70.30 -12.70 -19.35
C CYS A 88 -70.98 -11.66 -18.49
N LEU A 89 -72.04 -11.07 -19.04
CA LEU A 89 -72.86 -10.11 -18.34
C LEU A 89 -74.13 -10.78 -17.88
N THR A 90 -74.29 -10.85 -16.57
CA THR A 90 -75.52 -11.35 -15.97
C THR A 90 -76.18 -10.14 -15.33
N SER A 91 -76.20 -10.11 -14.00
CA SER A 91 -76.52 -8.89 -13.28
C SER A 91 -75.20 -8.36 -12.74
N THR A 92 -74.13 -9.10 -13.00
CA THR A 92 -72.78 -8.66 -12.68
C THR A 92 -71.83 -8.95 -13.83
N VAL A 93 -70.64 -8.33 -13.76
CA VAL A 93 -69.61 -8.42 -14.81
C VAL A 93 -68.62 -9.57 -14.55
N GLN A 94 -68.66 -10.56 -15.43
CA GLN A 94 -67.76 -11.67 -15.30
C GLN A 94 -66.71 -11.56 -16.36
N LEU A 95 -65.46 -11.45 -15.96
CA LEU A 95 -64.36 -11.42 -16.92
C LEU A 95 -63.83 -12.82 -17.03
N VAL A 96 -63.63 -13.27 -18.26
CA VAL A 96 -63.24 -14.65 -18.47
C VAL A 96 -61.88 -14.73 -19.12
N THR A 97 -61.04 -15.58 -18.57
CA THR A 97 -59.70 -15.78 -19.08
C THR A 97 -59.31 -17.25 -18.97
N GLN A 98 -58.41 -17.73 -19.84
CA GLN A 98 -57.93 -19.12 -19.78
C GLN A 98 -57.32 -19.45 -18.42
N LEU A 99 -57.58 -20.66 -17.93
CA LEU A 99 -57.08 -21.08 -16.62
C LEU A 99 -55.61 -21.48 -16.66
N MET A 100 -54.81 -20.86 -15.79
CA MET A 100 -53.42 -21.20 -15.59
C MET A 100 -53.29 -22.35 -14.60
N PRO A 101 -52.85 -23.53 -15.09
CA PRO A 101 -52.86 -24.78 -14.33
C PRO A 101 -52.16 -24.76 -12.97
N TYR A 102 -51.11 -23.96 -12.81
CA TYR A 102 -50.33 -23.96 -11.57
C TYR A 102 -50.66 -22.80 -10.64
N GLY A 103 -51.83 -22.21 -10.85
CA GLY A 103 -52.36 -21.17 -9.96
C GLY A 103 -51.44 -19.97 -9.87
N CYS A 104 -51.40 -19.36 -8.70
CA CYS A 104 -50.64 -18.12 -8.48
C CYS A 104 -49.20 -18.38 -8.08
N LEU A 105 -48.30 -17.48 -8.51
CA LEU A 105 -46.87 -17.63 -8.30
C LEU A 105 -46.43 -17.59 -6.84
N LEU A 106 -46.89 -16.60 -6.08
CA LEU A 106 -46.56 -16.53 -4.65
C LEU A 106 -46.79 -17.86 -3.94
N ASP A 107 -48.00 -18.41 -4.04
CA ASP A 107 -48.26 -19.74 -3.51
C ASP A 107 -47.18 -20.68 -4.01
N HIS A 108 -46.89 -20.62 -5.30
CA HIS A 108 -45.95 -21.54 -5.92
C HIS A 108 -44.56 -21.49 -5.31
N VAL A 109 -44.03 -20.28 -5.16
CA VAL A 109 -42.71 -20.11 -4.58
C VAL A 109 -42.72 -20.45 -3.08
N ARG A 110 -43.83 -20.14 -2.39
CA ARG A 110 -44.03 -20.53 -1.00
C ARG A 110 -43.99 -22.03 -0.82
N GLU A 111 -44.78 -22.72 -1.64
CA GLU A 111 -44.89 -24.15 -1.56
C GLU A 111 -43.60 -24.83 -2.01
N ASN A 112 -42.81 -24.17 -2.83
CA ASN A 112 -41.61 -24.78 -3.38
C ASN A 112 -40.28 -24.39 -2.75
N ARG A 113 -40.34 -23.67 -1.63
CA ARG A 113 -39.14 -23.19 -0.93
C ARG A 113 -37.96 -24.16 -1.03
N GLY A 114 -38.20 -25.42 -0.71
CA GLY A 114 -37.17 -26.45 -0.68
C GLY A 114 -36.56 -26.77 -2.02
N ARG A 115 -37.39 -27.10 -3.00
CA ARG A 115 -36.92 -27.67 -4.27
C ARG A 115 -36.35 -26.69 -5.29
N LEU A 116 -36.75 -25.42 -5.20
CA LEU A 116 -36.44 -24.41 -6.21
C LEU A 116 -34.97 -24.11 -6.41
N GLY A 117 -34.64 -23.64 -7.62
CA GLY A 117 -33.28 -23.31 -8.01
C GLY A 117 -33.16 -21.91 -8.62
N SER A 118 -31.92 -21.48 -8.82
CA SER A 118 -31.63 -20.15 -9.33
C SER A 118 -31.88 -20.05 -10.84
N GLN A 119 -31.70 -21.17 -11.53
CA GLN A 119 -32.04 -21.29 -12.94
C GLN A 119 -33.47 -20.84 -13.19
N ASP A 120 -34.39 -21.36 -12.38
CA ASP A 120 -35.84 -21.07 -12.44
C ASP A 120 -36.15 -19.62 -12.07
N LEU A 121 -35.45 -19.13 -11.05
CA LEU A 121 -35.78 -17.87 -10.39
C LEU A 121 -35.52 -16.64 -11.23
N LEU A 122 -34.38 -16.60 -11.92
CA LEU A 122 -34.04 -15.50 -12.80
C LEU A 122 -34.88 -15.55 -14.08
N ASN A 123 -35.01 -16.77 -14.61
CA ASN A 123 -35.84 -17.05 -15.77
C ASN A 123 -37.21 -16.35 -15.69
N TRP A 124 -37.78 -16.33 -14.49
CA TRP A 124 -39.04 -15.67 -14.26
C TRP A 124 -38.85 -14.18 -14.33
N CYS A 125 -37.98 -13.66 -13.46
CA CYS A 125 -37.77 -12.21 -13.36
C CYS A 125 -37.55 -11.57 -14.72
N MET A 126 -36.94 -12.33 -15.63
CA MET A 126 -36.82 -11.96 -17.03
C MET A 126 -38.23 -11.87 -17.61
N GLN A 127 -38.98 -12.95 -17.48
CA GLN A 127 -40.32 -13.05 -18.06
C GLN A 127 -41.25 -11.93 -17.61
N ILE A 128 -41.44 -11.80 -16.29
CA ILE A 128 -42.27 -10.72 -15.76
C ILE A 128 -41.83 -9.38 -16.36
N ALA A 129 -40.52 -9.16 -16.41
CA ALA A 129 -39.97 -7.92 -16.91
C ALA A 129 -40.32 -7.74 -18.38
N LYS A 130 -40.34 -8.84 -19.11
CA LYS A 130 -40.64 -8.84 -20.54
C LYS A 130 -42.13 -8.60 -20.77
N GLY A 131 -42.95 -9.16 -19.87
CA GLY A 131 -44.38 -8.93 -19.87
C GLY A 131 -44.70 -7.48 -19.60
N MET A 132 -44.08 -6.93 -18.56
CA MET A 132 -44.19 -5.51 -18.25
C MET A 132 -43.69 -4.62 -19.38
N SER A 133 -42.65 -5.10 -20.08
CA SER A 133 -42.09 -4.41 -21.23
C SER A 133 -43.13 -4.30 -22.33
N TYR A 134 -43.92 -5.36 -22.51
CA TYR A 134 -45.01 -5.34 -23.49
C TYR A 134 -46.15 -4.38 -23.15
N LEU A 135 -46.66 -4.46 -21.92
CA LEU A 135 -47.68 -3.52 -21.45
C LEU A 135 -47.14 -2.10 -21.52
N GLU A 136 -45.84 -1.94 -21.27
CA GLU A 136 -45.21 -0.64 -21.45
C GLU A 136 -45.50 -0.17 -22.87
N ASP A 137 -45.38 -1.07 -23.83
CA ASP A 137 -45.58 -0.73 -25.23
C ASP A 137 -47.03 -0.36 -25.48
N VAL A 138 -47.94 -1.18 -25.00
CA VAL A 138 -49.36 -0.99 -25.29
C VAL A 138 -49.99 0.09 -24.40
N ARG A 139 -49.15 0.90 -23.77
CA ARG A 139 -49.57 2.10 -23.05
C ARG A 139 -50.58 1.90 -21.90
N LEU A 140 -50.55 0.74 -21.25
CA LEU A 140 -51.41 0.49 -20.10
C LEU A 140 -50.62 0.23 -18.81
N VAL A 141 -50.84 1.09 -17.80
CA VAL A 141 -50.16 1.01 -16.52
C VAL A 141 -50.85 -0.04 -15.63
N HIS A 142 -50.04 -0.82 -14.92
CA HIS A 142 -50.55 -2.00 -14.20
C HIS A 142 -51.17 -1.68 -12.84
N ARG A 143 -50.43 -0.91 -12.03
CA ARG A 143 -50.90 -0.34 -10.77
C ARG A 143 -50.80 -1.27 -9.58
N ASP A 144 -50.91 -2.58 -9.82
CA ASP A 144 -50.89 -3.54 -8.72
C ASP A 144 -49.82 -4.63 -8.85
N LEU A 145 -48.76 -4.38 -9.61
CA LEU A 145 -47.77 -5.43 -9.80
C LEU A 145 -47.23 -5.92 -8.44
N ALA A 146 -47.31 -7.22 -8.25
CA ALA A 146 -46.87 -7.91 -7.05
C ALA A 146 -46.81 -9.38 -7.38
N ALA A 147 -46.03 -10.14 -6.64
CA ALA A 147 -45.95 -11.58 -6.88
C ALA A 147 -47.36 -12.18 -6.85
N ARG A 148 -48.22 -11.65 -5.99
CA ARG A 148 -49.59 -12.16 -5.85
C ARG A 148 -50.33 -12.19 -7.20
N ASN A 149 -49.93 -11.31 -8.12
CA ASN A 149 -50.58 -11.16 -9.43
C ASN A 149 -49.75 -11.67 -10.62
N VAL A 150 -48.96 -12.72 -10.36
CA VAL A 150 -48.30 -13.45 -11.43
C VAL A 150 -48.80 -14.90 -11.38
N LEU A 151 -49.23 -15.41 -12.52
CA LEU A 151 -49.79 -16.77 -12.56
C LEU A 151 -48.84 -17.74 -13.23
N VAL A 152 -48.99 -19.03 -12.93
CA VAL A 152 -48.05 -20.03 -13.45
C VAL A 152 -48.70 -20.93 -14.48
N LYS A 153 -48.26 -20.77 -15.72
CA LYS A 153 -48.73 -21.57 -16.83
C LYS A 153 -48.04 -22.93 -16.79
N SER A 154 -46.72 -22.91 -16.60
CA SER A 154 -45.91 -24.12 -16.53
C SER A 154 -44.69 -23.79 -15.67
N PRO A 155 -44.05 -24.80 -15.08
CA PRO A 155 -42.92 -24.56 -14.16
C PRO A 155 -41.79 -23.68 -14.72
N ASN A 156 -41.95 -23.18 -15.93
CA ASN A 156 -40.89 -22.44 -16.62
C ASN A 156 -41.39 -21.18 -17.32
N HIS A 157 -42.71 -21.01 -17.37
CA HIS A 157 -43.37 -19.99 -18.18
C HIS A 157 -44.56 -19.34 -17.41
N VAL A 158 -44.46 -18.04 -17.16
CA VAL A 158 -45.40 -17.31 -16.27
C VAL A 158 -46.09 -16.09 -16.89
N LYS A 159 -47.28 -15.76 -16.40
CA LYS A 159 -48.08 -14.63 -16.92
C LYS A 159 -48.48 -13.61 -15.85
N ILE A 160 -48.44 -12.34 -16.24
CA ILE A 160 -48.87 -11.25 -15.38
C ILE A 160 -50.35 -10.97 -15.60
N THR A 161 -51.10 -10.75 -14.52
CA THR A 161 -52.53 -10.47 -14.64
C THR A 161 -53.01 -9.25 -13.84
N ASP A 162 -54.32 -8.99 -13.89
CA ASP A 162 -55.00 -8.02 -13.01
C ASP A 162 -55.14 -6.60 -13.57
N PHE A 163 -54.06 -5.82 -13.51
CA PHE A 163 -54.07 -4.41 -13.94
C PHE A 163 -55.47 -3.81 -14.04
N GLY A 164 -56.02 -3.40 -12.90
CA GLY A 164 -57.37 -2.78 -12.85
C GLY A 164 -57.96 -2.43 -11.49
N LEU A 165 -57.60 -1.25 -10.97
CA LEU A 165 -58.14 -0.72 -9.70
C LEU A 165 -58.96 0.52 -9.99
N VAL A 183 -55.51 -1.49 -1.62
CA VAL A 183 -54.81 -0.54 -0.75
C VAL A 183 -53.34 -0.98 -0.42
N PRO A 184 -52.66 -1.68 -1.37
CA PRO A 184 -51.33 -2.23 -1.07
C PRO A 184 -50.20 -1.20 -1.18
N ILE A 185 -49.89 -0.56 -0.06
CA ILE A 185 -48.85 0.47 0.01
C ILE A 185 -47.41 -0.08 -0.13
N LYS A 186 -47.19 -1.26 0.41
CA LYS A 186 -45.85 -1.80 0.54
C LYS A 186 -45.25 -2.26 -0.79
N TRP A 187 -46.07 -2.29 -1.83
CA TRP A 187 -45.58 -2.59 -3.18
C TRP A 187 -45.58 -1.33 -4.01
N MET A 188 -46.09 -0.25 -3.42
CA MET A 188 -46.28 0.99 -4.13
C MET A 188 -45.06 1.88 -4.08
N ALA A 189 -44.96 2.73 -5.08
CA ALA A 189 -43.93 3.77 -5.14
C ALA A 189 -44.31 4.89 -4.17
N LEU A 190 -43.41 5.87 -4.03
CA LEU A 190 -43.62 6.98 -3.13
C LEU A 190 -44.67 7.95 -3.67
N GLU A 191 -44.49 8.40 -4.91
CA GLU A 191 -45.46 9.32 -5.53
C GLU A 191 -46.85 8.69 -5.57
N SER A 192 -46.87 7.40 -5.86
CA SER A 192 -48.09 6.60 -5.83
C SER A 192 -48.79 6.66 -4.47
N ILE A 193 -48.02 6.74 -3.40
CA ILE A 193 -48.60 6.86 -2.06
C ILE A 193 -49.17 8.26 -1.89
N LEU A 194 -48.33 9.25 -2.16
CA LEU A 194 -48.55 10.62 -1.72
C LEU A 194 -49.33 11.47 -2.72
N ARG A 195 -48.96 11.40 -3.99
CA ARG A 195 -49.61 12.17 -5.04
C ARG A 195 -50.70 11.36 -5.74
N ARG A 196 -50.67 10.05 -5.53
CA ARG A 196 -51.55 9.08 -6.20
C ARG A 196 -51.43 9.11 -7.74
N ARG A 197 -50.20 9.31 -8.22
CA ARG A 197 -49.91 9.29 -9.65
C ARG A 197 -49.13 8.04 -10.01
N PHE A 198 -49.52 7.42 -11.12
CA PHE A 198 -48.99 6.12 -11.54
C PHE A 198 -48.43 6.16 -12.96
N THR A 199 -47.12 6.13 -13.08
CA THR A 199 -46.49 5.94 -14.38
C THR A 199 -45.96 4.52 -14.55
N HIS A 200 -45.24 4.30 -15.63
CA HIS A 200 -44.58 3.03 -15.85
C HIS A 200 -43.38 2.93 -14.93
N GLN A 201 -42.82 4.08 -14.59
CA GLN A 201 -41.70 4.15 -13.67
C GLN A 201 -42.11 3.74 -12.26
N SER A 202 -43.36 4.02 -11.89
CA SER A 202 -43.89 3.63 -10.58
C SER A 202 -44.23 2.14 -10.54
N ASP A 203 -44.45 1.56 -11.70
CA ASP A 203 -44.65 0.11 -11.84
C ASP A 203 -43.34 -0.65 -11.65
N VAL A 204 -42.24 0.03 -11.94
CA VAL A 204 -40.91 -0.56 -11.77
C VAL A 204 -40.62 -0.77 -10.29
N TRP A 205 -40.95 0.21 -9.46
CA TRP A 205 -40.85 0.05 -8.01
C TRP A 205 -41.54 -1.24 -7.61
N SER A 206 -42.82 -1.34 -7.95
CA SER A 206 -43.62 -2.53 -7.68
C SER A 206 -42.86 -3.79 -8.10
N TYR A 207 -42.32 -3.76 -9.32
CA TYR A 207 -41.47 -4.84 -9.85
C TYR A 207 -40.30 -5.21 -8.93
N GLY A 208 -39.50 -4.21 -8.56
CA GLY A 208 -38.43 -4.40 -7.60
C GLY A 208 -38.91 -5.20 -6.41
N VAL A 209 -40.00 -4.75 -5.77
CA VAL A 209 -40.57 -5.45 -4.61
C VAL A 209 -40.93 -6.88 -4.98
N THR A 210 -41.43 -7.07 -6.21
CA THR A 210 -41.79 -8.40 -6.70
C THR A 210 -40.57 -9.32 -6.79
N VAL A 211 -39.45 -8.77 -7.24
CA VAL A 211 -38.20 -9.54 -7.33
C VAL A 211 -37.71 -9.94 -5.94
N TRP A 212 -37.66 -8.98 -5.03
CA TRP A 212 -37.32 -9.26 -3.64
C TRP A 212 -38.19 -10.37 -3.10
N GLU A 213 -39.51 -10.22 -3.29
CA GLU A 213 -40.49 -11.24 -2.92
C GLU A 213 -40.04 -12.65 -3.33
N LEU A 214 -39.59 -12.77 -4.58
CA LEU A 214 -39.19 -14.06 -5.14
C LEU A 214 -37.83 -14.56 -4.60
N MET A 215 -36.89 -13.65 -4.32
CA MET A 215 -35.57 -14.02 -3.80
C MET A 215 -35.65 -14.30 -2.31
N THR A 216 -36.79 -14.04 -1.70
CA THR A 216 -36.96 -14.28 -0.30
C THR A 216 -37.76 -15.55 -0.09
N PHE A 217 -37.95 -16.28 -1.19
CA PHE A 217 -38.84 -17.43 -1.23
C PHE A 217 -40.24 -17.06 -0.74
N GLY A 218 -40.66 -15.84 -1.08
CA GLY A 218 -42.01 -15.35 -0.81
C GLY A 218 -42.24 -14.62 0.51
N ALA A 219 -41.22 -13.92 1.02
CA ALA A 219 -41.36 -13.18 2.28
C ALA A 219 -42.33 -12.00 2.16
N LYS A 220 -42.90 -11.57 3.29
CA LYS A 220 -43.77 -10.39 3.30
C LYS A 220 -42.94 -9.14 3.59
N PRO A 221 -42.90 -8.19 2.62
CA PRO A 221 -42.10 -6.96 2.70
C PRO A 221 -42.46 -6.02 3.85
N TYR A 222 -41.45 -5.51 4.53
CA TYR A 222 -41.61 -4.65 5.72
C TYR A 222 -42.57 -5.29 6.73
N ASP A 223 -42.33 -6.55 7.06
CA ASP A 223 -43.17 -7.28 8.00
C ASP A 223 -43.08 -6.67 9.38
N GLY A 224 -44.22 -6.43 9.99
CA GLY A 224 -44.24 -5.90 11.35
C GLY A 224 -44.18 -4.40 11.39
N ILE A 225 -43.47 -3.81 10.42
CA ILE A 225 -43.46 -2.37 10.21
C ILE A 225 -44.81 -1.98 9.61
N PRO A 226 -45.61 -1.17 10.32
CA PRO A 226 -46.96 -0.89 9.86
C PRO A 226 -46.99 0.11 8.70
N ALA A 227 -48.11 0.17 7.98
CA ALA A 227 -48.21 0.91 6.71
C ALA A 227 -48.12 2.44 6.82
N ARG A 228 -48.47 3.01 7.97
CA ARG A 228 -48.43 4.47 8.19
C ARG A 228 -47.02 5.05 8.03
N GLU A 229 -46.03 4.32 8.54
CA GLU A 229 -44.68 4.83 8.68
C GLU A 229 -43.85 4.70 7.41
N ILE A 230 -44.27 3.80 6.52
CA ILE A 230 -43.52 3.51 5.29
C ILE A 230 -43.08 4.78 4.53
N PRO A 231 -44.04 5.62 4.08
CA PRO A 231 -43.60 6.80 3.33
C PRO A 231 -42.60 7.56 4.15
N ASP A 232 -43.01 7.95 5.35
CA ASP A 232 -42.20 8.70 6.30
C ASP A 232 -40.73 8.25 6.26
N LEU A 233 -40.50 6.95 6.37
CA LEU A 233 -39.13 6.46 6.50
C LEU A 233 -38.55 5.86 5.23
N LEU A 234 -39.34 5.81 4.15
CA LEU A 234 -38.77 5.58 2.84
C LEU A 234 -37.93 6.80 2.48
N GLU A 235 -38.40 7.97 2.93
CA GLU A 235 -37.68 9.23 2.77
C GLU A 235 -36.31 9.21 3.45
N LYS A 236 -36.18 8.42 4.51
CA LYS A 236 -34.93 8.20 5.20
C LYS A 236 -33.98 7.30 4.37
N GLY A 237 -34.34 7.08 3.12
CA GLY A 237 -33.57 6.24 2.21
C GLY A 237 -33.47 4.79 2.66
N GLU A 238 -34.24 4.42 3.68
CA GLU A 238 -34.24 3.07 4.21
C GLU A 238 -35.08 2.15 3.32
N ARG A 239 -34.58 0.95 3.05
CA ARG A 239 -35.18 0.02 2.08
C ARG A 239 -35.10 -1.45 2.54
N LEU A 240 -35.80 -2.34 1.82
CA LEU A 240 -35.78 -3.79 2.08
C LEU A 240 -34.35 -4.35 2.10
N PRO A 241 -34.07 -5.28 3.05
CA PRO A 241 -32.74 -5.86 3.18
C PRO A 241 -32.42 -6.86 2.08
N GLN A 242 -31.15 -6.93 1.71
CA GLN A 242 -30.69 -7.88 0.71
C GLN A 242 -31.14 -9.29 1.09
N PRO A 243 -31.81 -9.99 0.16
CA PRO A 243 -32.28 -11.34 0.40
C PRO A 243 -31.10 -12.25 0.70
N PRO A 244 -31.34 -13.38 1.41
CA PRO A 244 -30.16 -14.11 1.83
C PRO A 244 -29.43 -14.64 0.59
N ILE A 245 -30.19 -15.30 -0.28
CA ILE A 245 -29.62 -15.99 -1.44
C ILE A 245 -29.09 -15.06 -2.55
N CYS A 246 -28.97 -13.78 -2.22
CA CYS A 246 -28.78 -12.75 -3.23
C CYS A 246 -27.36 -12.21 -3.30
N THR A 247 -26.90 -11.99 -4.52
CA THR A 247 -25.64 -11.28 -4.71
C THR A 247 -25.89 -9.80 -4.88
N ILE A 248 -24.86 -9.02 -4.61
CA ILE A 248 -24.89 -7.58 -4.74
C ILE A 248 -25.29 -7.15 -6.15
N ASP A 249 -24.90 -7.95 -7.14
CA ASP A 249 -25.19 -7.68 -8.53
C ASP A 249 -26.70 -7.73 -8.74
N VAL A 250 -27.35 -8.69 -8.08
CA VAL A 250 -28.79 -8.81 -8.17
C VAL A 250 -29.45 -7.77 -7.25
N TYR A 251 -28.84 -7.48 -6.11
CA TYR A 251 -29.44 -6.57 -5.14
C TYR A 251 -29.41 -5.11 -5.58
N MET A 252 -28.38 -4.74 -6.34
CA MET A 252 -28.24 -3.40 -6.91
C MET A 252 -29.48 -2.99 -7.70
N ILE A 253 -30.06 -3.98 -8.39
CA ILE A 253 -31.18 -3.75 -9.28
C ILE A 253 -32.50 -3.50 -8.53
N MET A 254 -32.66 -4.11 -7.37
CA MET A 254 -33.82 -3.87 -6.51
C MET A 254 -33.81 -2.41 -6.05
N VAL A 255 -32.65 -1.97 -5.59
CA VAL A 255 -32.43 -0.60 -5.10
C VAL A 255 -32.58 0.42 -6.23
N LYS A 256 -32.15 0.02 -7.42
CA LYS A 256 -32.27 0.85 -8.63
C LYS A 256 -33.73 1.22 -8.85
N CYS A 257 -34.62 0.26 -8.60
CA CYS A 257 -36.06 0.44 -8.78
C CYS A 257 -36.64 1.33 -7.70
N TRP A 258 -35.96 1.38 -6.56
CA TRP A 258 -36.48 2.05 -5.39
C TRP A 258 -35.93 3.46 -5.20
N MET A 259 -35.50 4.07 -6.31
CA MET A 259 -35.03 5.45 -6.30
C MET A 259 -36.24 6.37 -6.20
N ILE A 260 -36.14 7.36 -5.33
CA ILE A 260 -37.20 8.36 -5.15
C ILE A 260 -37.31 9.14 -6.45
N ASP A 261 -36.14 9.49 -7.00
CA ASP A 261 -36.01 10.17 -8.27
C ASP A 261 -36.41 9.19 -9.36
N SER A 262 -37.71 9.13 -9.65
CA SER A 262 -38.28 8.08 -10.49
C SER A 262 -37.66 7.97 -11.87
N GLU A 263 -37.13 9.09 -12.38
CA GLU A 263 -36.45 9.09 -13.67
C GLU A 263 -35.15 8.29 -13.62
N CYS A 264 -34.53 8.24 -12.46
CA CYS A 264 -33.33 7.44 -12.28
C CYS A 264 -33.63 5.94 -12.02
N ARG A 265 -34.87 5.53 -12.26
CA ARG A 265 -35.20 4.11 -12.26
C ARG A 265 -34.99 3.55 -13.67
N PRO A 266 -34.62 2.24 -13.78
CA PRO A 266 -34.31 1.66 -15.08
C PRO A 266 -35.54 1.37 -15.94
N ARG A 267 -35.40 1.58 -17.25
CA ARG A 267 -36.45 1.26 -18.22
C ARG A 267 -36.64 -0.26 -18.25
N PHE A 268 -37.87 -0.72 -18.43
CA PHE A 268 -38.14 -2.17 -18.41
C PHE A 268 -37.30 -2.94 -19.42
N ARG A 269 -37.10 -2.37 -20.60
CA ARG A 269 -36.22 -2.98 -21.59
C ARG A 269 -34.86 -3.33 -20.95
N GLU A 270 -34.29 -2.36 -20.25
CA GLU A 270 -33.04 -2.58 -19.52
C GLU A 270 -33.13 -3.78 -18.60
N LEU A 271 -34.22 -3.88 -17.85
CA LEU A 271 -34.37 -4.95 -16.87
C LEU A 271 -34.26 -6.33 -17.53
N VAL A 272 -34.99 -6.50 -18.63
CA VAL A 272 -34.95 -7.72 -19.43
C VAL A 272 -33.53 -8.09 -19.87
N SER A 273 -32.83 -7.14 -20.49
CA SER A 273 -31.49 -7.41 -20.96
C SER A 273 -30.63 -7.95 -19.85
N GLU A 274 -30.53 -7.19 -18.75
CA GLU A 274 -29.70 -7.60 -17.62
C GLU A 274 -30.10 -8.95 -17.09
N PHE A 275 -31.38 -9.12 -16.79
CA PHE A 275 -31.88 -10.41 -16.32
C PHE A 275 -31.59 -11.55 -17.30
N SER A 276 -31.40 -11.23 -18.58
CA SER A 276 -30.99 -12.22 -19.56
C SER A 276 -29.51 -12.58 -19.41
N ARG A 277 -28.66 -11.57 -19.19
CA ARG A 277 -27.26 -11.78 -18.86
C ARG A 277 -27.14 -12.81 -17.74
N MET A 278 -27.76 -12.50 -16.60
CA MET A 278 -27.66 -13.33 -15.41
C MET A 278 -28.11 -14.78 -15.63
N ALA A 279 -29.12 -14.97 -16.47
CA ALA A 279 -29.66 -16.31 -16.73
C ALA A 279 -28.65 -17.24 -17.40
N ARG A 280 -27.60 -16.68 -17.99
CA ARG A 280 -26.62 -17.53 -18.69
C ARG A 280 -25.45 -17.98 -17.79
N ASP A 281 -25.45 -17.55 -16.53
CA ASP A 281 -24.67 -18.17 -15.46
C ASP A 281 -25.28 -17.82 -14.10
N PRO A 282 -26.40 -18.47 -13.76
CA PRO A 282 -27.20 -18.07 -12.59
C PRO A 282 -26.55 -18.36 -11.22
N GLN A 283 -25.76 -19.43 -11.14
CA GLN A 283 -25.10 -19.75 -9.88
C GLN A 283 -24.04 -18.73 -9.51
N ARG A 284 -23.65 -17.90 -10.49
CA ARG A 284 -22.76 -16.77 -10.25
C ARG A 284 -23.54 -15.58 -9.64
N PHE A 285 -24.86 -15.60 -9.77
CA PHE A 285 -25.68 -14.48 -9.31
C PHE A 285 -26.69 -14.84 -8.22
N VAL A 286 -27.07 -16.11 -8.14
CA VAL A 286 -27.94 -16.55 -7.06
C VAL A 286 -27.39 -17.82 -6.43
N VAL A 287 -27.31 -17.83 -5.11
CA VAL A 287 -26.70 -18.96 -4.41
C VAL A 287 -27.66 -19.70 -3.51
N ILE A 288 -28.12 -20.85 -3.99
CA ILE A 288 -28.97 -21.78 -3.25
C ILE A 288 -28.16 -23.06 -3.01
N GLN A 289 -28.81 -24.18 -2.72
CA GLN A 289 -28.10 -25.46 -2.54
C GLN A 289 -28.26 -26.46 -3.71
N ASN A 290 -28.31 -27.75 -3.37
CA ASN A 290 -28.14 -28.80 -4.37
C ASN A 290 -28.80 -30.10 -3.93
N LEU A 299 -40.60 -30.49 -7.31
CA LEU A 299 -41.37 -29.40 -7.87
C LEU A 299 -42.84 -29.77 -8.02
N ASP A 300 -43.68 -29.26 -7.12
CA ASP A 300 -45.11 -29.59 -7.09
C ASP A 300 -45.95 -28.35 -6.82
N SER A 301 -47.26 -28.48 -7.03
CA SER A 301 -48.22 -27.44 -6.70
C SER A 301 -49.43 -28.07 -6.04
N THR A 302 -49.97 -27.42 -5.01
CA THR A 302 -51.18 -27.89 -4.36
C THR A 302 -52.32 -27.67 -5.32
N PHE A 303 -52.31 -26.48 -5.91
CA PHE A 303 -53.40 -26.05 -6.77
C PHE A 303 -53.57 -26.96 -7.99
N TYR A 304 -52.47 -27.22 -8.68
CA TYR A 304 -52.49 -28.11 -9.84
C TYR A 304 -53.04 -29.47 -9.45
N ARG A 305 -52.58 -29.98 -8.30
CA ARG A 305 -53.04 -31.25 -7.80
C ARG A 305 -54.55 -31.22 -7.58
N SER A 306 -55.06 -30.07 -7.15
CA SER A 306 -56.48 -29.90 -6.89
C SER A 306 -57.33 -29.94 -8.16
N LEU A 307 -56.73 -29.56 -9.30
CA LEU A 307 -57.42 -29.57 -10.58
C LEU A 307 -57.68 -30.98 -11.11
N LEU A 308 -56.75 -31.88 -10.84
CA LEU A 308 -56.88 -33.27 -11.27
C LEU A 308 -58.07 -33.94 -10.60
N GLU A 309 -59.23 -33.57 -11.14
CA GLU A 309 -60.57 -34.04 -10.74
C GLU A 309 -61.64 -33.26 -11.56
N ASP A 310 -62.45 -34.02 -12.30
CA ASP A 310 -63.69 -33.57 -12.98
C ASP A 310 -63.61 -32.50 -14.09
N ASP A 311 -62.39 -32.22 -14.55
CA ASP A 311 -62.14 -31.31 -15.68
C ASP A 311 -60.68 -31.37 -16.19
N ASP A 315 -57.08 -29.69 -19.56
CA ASP A 315 -56.13 -28.59 -19.40
C ASP A 315 -54.91 -28.68 -20.36
N LEU A 316 -55.15 -28.29 -21.61
CA LEU A 316 -54.09 -28.33 -22.63
C LEU A 316 -54.15 -27.09 -23.52
N VAL A 317 -53.93 -27.29 -24.82
CA VAL A 317 -53.83 -26.25 -25.86
C VAL A 317 -54.23 -24.81 -25.48
N ASP A 318 -53.29 -23.88 -25.69
CA ASP A 318 -53.41 -22.47 -25.29
C ASP A 318 -54.72 -21.76 -25.69
N ALA A 319 -55.13 -21.93 -26.94
CA ALA A 319 -56.44 -21.45 -27.44
C ALA A 319 -56.61 -19.93 -27.52
N GLU A 320 -55.79 -19.31 -28.38
CA GLU A 320 -55.89 -17.89 -28.68
C GLU A 320 -56.65 -17.66 -29.99
N GLU A 321 -57.32 -18.73 -30.45
CA GLU A 321 -58.32 -18.69 -31.55
C GLU A 321 -58.31 -17.43 -32.44
N ALA B 9 -36.06 -6.10 10.45
CA ALA B 9 -34.62 -6.02 10.13
C ALA B 9 -34.40 -5.36 8.77
N LEU B 10 -34.45 -4.03 8.74
CA LEU B 10 -34.37 -3.28 7.48
C LEU B 10 -32.96 -2.79 7.15
N LEU B 11 -32.84 -1.87 6.20
CA LEU B 11 -31.52 -1.40 5.70
C LEU B 11 -31.50 0.04 5.18
N ARG B 12 -30.52 0.83 5.60
CA ARG B 12 -30.45 2.26 5.25
C ARG B 12 -29.59 2.58 4.02
N ILE B 13 -30.23 2.91 2.91
CA ILE B 13 -29.55 3.22 1.65
C ILE B 13 -29.28 4.71 1.56
N LEU B 14 -28.12 5.07 1.00
CA LEU B 14 -27.69 6.48 0.88
C LEU B 14 -27.43 7.00 -0.54
N LYS B 15 -27.92 8.21 -0.84
CA LYS B 15 -27.74 8.87 -2.15
C LYS B 15 -26.35 9.49 -2.27
N GLU B 16 -25.81 9.49 -3.49
CA GLU B 16 -24.49 10.06 -3.77
C GLU B 16 -24.37 11.50 -3.28
N THR B 17 -25.45 12.27 -3.44
CA THR B 17 -25.49 13.70 -3.12
C THR B 17 -25.15 14.05 -1.66
N GLU B 18 -25.65 13.25 -0.72
CA GLU B 18 -25.48 13.53 0.70
C GLU B 18 -24.03 13.37 1.16
N LEU B 19 -23.32 12.43 0.54
CA LEU B 19 -21.92 12.16 0.88
C LEU B 19 -20.93 13.00 0.08
N ARG B 20 -19.88 13.45 0.76
CA ARG B 20 -18.75 14.09 0.11
C ARG B 20 -17.48 13.56 0.74
N LYS B 21 -16.64 12.95 -0.09
CA LYS B 21 -15.35 12.41 0.35
C LYS B 21 -14.34 13.53 0.50
N VAL B 22 -13.38 13.33 1.38
CA VAL B 22 -12.36 14.33 1.66
C VAL B 22 -10.96 13.70 1.58
N LYS B 23 -10.51 13.09 2.66
CA LYS B 23 -9.16 12.55 2.74
C LYS B 23 -9.09 11.08 2.32
N VAL B 24 -8.10 10.75 1.49
CA VAL B 24 -7.78 9.38 1.06
C VAL B 24 -7.25 8.54 2.21
N LEU B 25 -8.14 8.09 3.10
CA LEU B 25 -7.71 7.51 4.37
C LEU B 25 -6.99 6.16 4.35
N GLY B 26 -7.07 5.42 3.25
CA GLY B 26 -6.43 4.10 3.20
C GLY B 26 -6.67 3.19 2.00
N SER B 27 -5.62 2.49 1.59
CA SER B 27 -5.69 1.53 0.48
C SER B 27 -5.29 0.12 0.90
N GLY B 28 -6.21 -0.81 0.66
CA GLY B 28 -5.93 -2.23 0.83
C GLY B 28 -6.30 -3.02 -0.42
N ALA B 29 -5.96 -4.30 -0.42
CA ALA B 29 -6.38 -5.22 -1.48
C ALA B 29 -7.90 -5.37 -1.48
N PHE B 30 -8.50 -5.41 -0.28
CA PHE B 30 -9.96 -5.48 -0.07
C PHE B 30 -10.67 -4.36 -0.84
N GLY B 31 -10.23 -3.13 -0.58
CA GLY B 31 -10.78 -1.92 -1.19
C GLY B 31 -10.12 -0.68 -0.61
N THR B 32 -10.59 0.49 -1.04
CA THR B 32 -10.05 1.76 -0.58
C THR B 32 -10.85 2.27 0.64
N VAL B 33 -10.24 3.15 1.43
CA VAL B 33 -10.94 3.80 2.54
C VAL B 33 -10.70 5.32 2.53
N TYR B 34 -11.78 6.10 2.62
CA TYR B 34 -11.69 7.56 2.62
C TYR B 34 -12.36 8.12 3.85
N LYS B 35 -12.12 9.39 4.11
CA LYS B 35 -12.89 10.11 5.09
C LYS B 35 -13.87 10.99 4.33
N GLY B 36 -14.91 11.43 5.00
CA GLY B 36 -15.90 12.30 4.39
C GLY B 36 -16.89 12.82 5.39
N ILE B 37 -17.82 13.64 4.89
CA ILE B 37 -18.89 14.20 5.72
C ILE B 37 -20.22 13.72 5.17
N TRP B 38 -21.09 13.27 6.07
CA TRP B 38 -22.44 12.81 5.72
C TRP B 38 -23.48 13.80 6.20
N ILE B 39 -24.12 14.49 5.25
CA ILE B 39 -25.27 15.31 5.55
C ILE B 39 -26.49 14.48 5.20
N PRO B 40 -27.27 14.09 6.22
CA PRO B 40 -28.57 13.50 5.95
C PRO B 40 -29.51 14.57 5.41
N ASP B 41 -30.53 14.13 4.68
CA ASP B 41 -31.46 15.05 4.06
C ASP B 41 -32.42 15.68 5.05
N GLY B 42 -32.78 16.93 4.77
CA GLY B 42 -33.70 17.69 5.60
C GLY B 42 -33.17 18.00 6.99
N GLU B 43 -32.09 17.32 7.36
CA GLU B 43 -31.50 17.45 8.70
C GLU B 43 -30.27 18.36 8.76
N ASN B 44 -30.23 19.18 9.81
CA ASN B 44 -29.25 20.24 9.94
C ASN B 44 -27.96 19.79 10.62
N VAL B 45 -27.44 18.66 10.15
CA VAL B 45 -26.28 18.05 10.78
C VAL B 45 -25.25 17.65 9.73
N LYS B 46 -24.02 17.40 10.20
CA LYS B 46 -22.89 16.98 9.37
C LYS B 46 -22.12 15.91 10.11
N ILE B 47 -22.40 14.65 9.81
CA ILE B 47 -21.72 13.56 10.51
C ILE B 47 -20.42 13.15 9.78
N PRO B 48 -19.28 13.25 10.48
CA PRO B 48 -18.05 12.83 9.85
C PRO B 48 -17.99 11.31 9.82
N VAL B 49 -17.73 10.76 8.64
CA VAL B 49 -17.77 9.31 8.46
C VAL B 49 -16.56 8.75 7.70
N ALA B 50 -16.37 7.44 7.80
CA ALA B 50 -15.38 6.72 7.02
C ALA B 50 -16.11 5.82 6.02
N ILE B 51 -15.50 5.60 4.85
CA ILE B 51 -16.18 4.92 3.73
C ILE B 51 -15.28 3.93 2.98
N LYS B 52 -15.81 2.71 2.77
CA LYS B 52 -15.09 1.72 1.99
C LYS B 52 -15.70 1.50 0.60
N VAL B 53 -14.97 1.87 -0.44
CA VAL B 53 -15.38 1.59 -1.82
C VAL B 53 -14.83 0.23 -2.27
N LEU B 54 -15.73 -0.65 -2.70
CA LEU B 54 -15.37 -2.00 -3.10
C LEU B 54 -15.14 -2.09 -4.60
N ARG B 55 -14.85 -3.30 -5.10
CA ARG B 55 -14.57 -3.49 -6.53
C ARG B 55 -15.80 -3.80 -7.39
N PRO B 60 -15.93 -9.71 -6.04
CA PRO B 60 -16.73 -10.37 -7.06
C PRO B 60 -18.05 -10.94 -6.50
N LYS B 61 -17.97 -12.14 -5.91
CA LYS B 61 -19.15 -12.80 -5.34
C LYS B 61 -19.17 -12.81 -3.81
N ALA B 62 -18.01 -13.10 -3.21
CA ALA B 62 -17.88 -13.17 -1.76
C ALA B 62 -18.11 -11.82 -1.07
N ASN B 63 -18.20 -10.76 -1.89
CA ASN B 63 -18.53 -9.42 -1.41
C ASN B 63 -19.94 -9.35 -0.82
N LYS B 64 -20.81 -10.28 -1.24
CA LYS B 64 -22.18 -10.36 -0.76
C LYS B 64 -22.25 -10.60 0.74
N GLU B 65 -21.39 -11.50 1.22
CA GLU B 65 -21.31 -11.88 2.64
C GLU B 65 -20.92 -10.67 3.47
N ILE B 66 -19.89 -9.96 3.01
CA ILE B 66 -19.43 -8.71 3.61
C ILE B 66 -20.61 -7.81 3.95
N LEU B 67 -21.53 -7.67 3.00
CA LEU B 67 -22.74 -6.89 3.21
C LEU B 67 -23.73 -7.63 4.10
N ASP B 68 -24.11 -8.83 3.70
CA ASP B 68 -25.14 -9.60 4.39
C ASP B 68 -24.62 -10.22 5.71
N GLU B 69 -23.72 -9.49 6.36
CA GLU B 69 -23.34 -9.76 7.74
C GLU B 69 -23.41 -8.45 8.56
N ALA B 70 -23.08 -7.34 7.91
CA ALA B 70 -23.17 -6.03 8.53
C ALA B 70 -24.63 -5.59 8.71
N TYR B 71 -25.52 -6.23 7.96
CA TYR B 71 -26.97 -6.09 8.12
C TYR B 71 -27.42 -6.64 9.47
N VAL B 72 -26.54 -7.43 10.09
CA VAL B 72 -26.77 -8.01 11.43
C VAL B 72 -26.32 -7.03 12.54
N MET B 73 -25.63 -5.96 12.15
CA MET B 73 -25.14 -4.95 13.10
C MET B 73 -26.17 -3.83 13.38
N ALA B 74 -27.30 -3.90 12.67
CA ALA B 74 -28.36 -2.89 12.77
C ALA B 74 -29.26 -3.08 13.98
N GLY B 75 -29.77 -1.97 14.52
CA GLY B 75 -30.77 -1.99 15.60
C GLY B 75 -30.18 -2.08 17.00
N VAL B 76 -30.42 -3.23 17.64
CA VAL B 76 -29.81 -3.51 18.94
C VAL B 76 -28.36 -4.00 18.74
N GLY B 77 -27.43 -3.07 18.96
CA GLY B 77 -26.01 -3.32 18.76
C GLY B 77 -25.16 -3.11 20.00
N SER B 78 -23.86 -3.36 19.85
CA SER B 78 -22.90 -3.20 20.93
C SER B 78 -22.33 -1.79 20.92
N PRO B 79 -21.94 -1.28 22.10
CA PRO B 79 -21.18 -0.04 22.16
C PRO B 79 -19.77 -0.22 21.61
N TYR B 80 -19.35 -1.46 21.43
CA TYR B 80 -17.96 -1.78 21.13
C TYR B 80 -17.75 -2.45 19.77
N VAL B 81 -18.75 -2.37 18.90
CA VAL B 81 -18.61 -2.76 17.49
C VAL B 81 -18.96 -1.58 16.60
N SER B 82 -18.15 -1.36 15.58
CA SER B 82 -18.40 -0.34 14.59
C SER B 82 -19.64 -0.71 13.76
N ARG B 83 -20.76 -0.02 14.01
CA ARG B 83 -21.98 -0.28 13.22
C ARG B 83 -21.92 0.48 11.90
N LEU B 84 -22.53 -0.08 10.88
CA LEU B 84 -22.60 0.55 9.58
C LEU B 84 -23.86 1.38 9.53
N LEU B 85 -23.75 2.67 9.20
CA LEU B 85 -24.91 3.55 9.18
C LEU B 85 -25.72 3.39 7.89
N GLY B 86 -25.01 3.35 6.77
CA GLY B 86 -25.65 3.25 5.48
C GLY B 86 -24.79 2.70 4.37
N ILE B 87 -25.40 2.54 3.21
CA ILE B 87 -24.76 1.97 2.02
C ILE B 87 -24.95 2.92 0.87
N CYS B 88 -23.93 3.05 0.03
CA CYS B 88 -24.09 3.75 -1.22
C CYS B 88 -23.75 2.86 -2.38
N LEU B 89 -24.75 2.57 -3.19
CA LEU B 89 -24.58 1.74 -4.36
C LEU B 89 -24.40 2.57 -5.60
N THR B 90 -23.15 2.66 -6.03
CA THR B 90 -22.80 3.29 -7.29
C THR B 90 -22.61 2.16 -8.29
N SER B 91 -21.57 2.22 -9.12
CA SER B 91 -21.14 1.02 -9.85
C SER B 91 -20.35 0.14 -8.88
N THR B 92 -19.99 0.73 -7.74
CA THR B 92 -19.35 0.01 -6.63
C THR B 92 -20.17 0.20 -5.36
N VAL B 93 -19.56 -0.17 -4.23
CA VAL B 93 -20.29 -0.15 -2.96
C VAL B 93 -19.50 0.59 -1.89
N GLN B 94 -20.15 1.59 -1.31
CA GLN B 94 -19.61 2.37 -0.21
C GLN B 94 -20.18 1.88 1.12
N LEU B 95 -19.31 1.46 2.00
CA LEU B 95 -19.71 1.09 3.34
C LEU B 95 -19.50 2.28 4.27
N VAL B 96 -20.61 2.94 4.62
CA VAL B 96 -20.56 4.16 5.43
C VAL B 96 -20.69 3.85 6.91
N THR B 97 -19.68 4.28 7.66
CA THR B 97 -19.60 4.08 9.10
C THR B 97 -19.02 5.34 9.75
N GLN B 98 -19.37 5.57 11.01
CA GLN B 98 -18.94 6.76 11.75
C GLN B 98 -17.42 6.85 11.92
N LEU B 99 -16.87 8.03 11.66
CA LEU B 99 -15.44 8.26 11.79
C LEU B 99 -14.99 8.21 13.24
N MET B 100 -14.11 7.27 13.56
CA MET B 100 -13.45 7.26 14.86
C MET B 100 -12.29 8.24 14.82
N PRO B 101 -12.26 9.22 15.74
CA PRO B 101 -11.32 10.33 15.67
C PRO B 101 -9.85 9.94 15.88
N TYR B 102 -9.58 9.05 16.84
CA TYR B 102 -8.22 8.75 17.25
C TYR B 102 -7.51 7.62 16.48
N GLY B 103 -8.03 7.28 15.30
CA GLY B 103 -7.37 6.32 14.40
C GLY B 103 -7.38 4.90 14.89
N CYS B 104 -6.64 4.02 14.20
CA CYS B 104 -6.58 2.60 14.57
C CYS B 104 -5.71 2.41 15.80
N LEU B 105 -6.18 1.56 16.70
CA LEU B 105 -5.55 1.38 18.01
C LEU B 105 -4.07 0.98 17.96
N LEU B 106 -3.70 0.19 16.96
CA LEU B 106 -2.32 -0.22 16.73
C LEU B 106 -1.40 0.97 16.54
N ASP B 107 -1.75 1.84 15.59
CA ASP B 107 -0.98 3.05 15.35
C ASP B 107 -0.91 3.89 16.62
N HIS B 108 -2.03 3.95 17.34
CA HIS B 108 -2.17 4.80 18.50
C HIS B 108 -1.33 4.33 19.67
N VAL B 109 -1.43 3.04 19.95
CA VAL B 109 -0.66 2.46 21.04
C VAL B 109 0.83 2.66 20.75
N ARG B 110 1.20 2.53 19.48
CA ARG B 110 2.57 2.68 19.03
C ARG B 110 3.11 4.09 19.30
N GLU B 111 2.28 5.09 19.02
CA GLU B 111 2.65 6.50 19.17
C GLU B 111 2.88 6.91 20.61
N ASN B 112 2.07 6.38 21.53
CA ASN B 112 2.15 6.77 22.93
C ASN B 112 2.73 5.68 23.83
N ARG B 113 3.92 5.92 24.37
CA ARG B 113 4.51 4.96 25.28
C ARG B 113 4.40 5.40 26.75
N GLY B 114 5.00 6.54 27.06
CA GLY B 114 5.04 7.02 28.44
C GLY B 114 3.68 7.36 29.02
N ARG B 115 2.97 8.26 28.34
CA ARG B 115 1.67 8.76 28.77
C ARG B 115 0.67 7.67 29.16
N LEU B 116 0.70 6.54 28.44
CA LEU B 116 -0.24 5.43 28.66
C LEU B 116 -0.16 4.83 30.05
N GLY B 117 -1.34 4.59 30.63
CA GLY B 117 -1.46 3.99 31.95
C GLY B 117 -1.93 2.55 31.89
N SER B 118 -1.86 1.87 33.03
CA SER B 118 -2.31 0.49 33.12
C SER B 118 -3.82 0.43 33.04
N GLN B 119 -4.46 1.48 33.53
CA GLN B 119 -5.91 1.59 33.55
C GLN B 119 -6.46 1.68 32.16
N ASP B 120 -5.70 2.33 31.28
CA ASP B 120 -6.13 2.57 29.91
C ASP B 120 -5.97 1.32 29.06
N LEU B 121 -5.02 0.46 29.42
CA LEU B 121 -4.82 -0.80 28.71
C LEU B 121 -5.82 -1.85 29.17
N LEU B 122 -5.96 -2.00 30.49
CA LEU B 122 -6.96 -2.90 31.03
C LEU B 122 -8.35 -2.45 30.62
N ASN B 123 -8.56 -1.14 30.60
CA ASN B 123 -9.78 -0.53 30.09
C ASN B 123 -10.17 -1.15 28.74
N TRP B 124 -9.20 -1.23 27.83
CA TRP B 124 -9.44 -1.63 26.45
C TRP B 124 -9.74 -3.11 26.25
N CYS B 125 -8.88 -3.97 26.80
CA CYS B 125 -9.05 -5.43 26.69
C CYS B 125 -10.42 -5.86 27.21
N MET B 126 -10.89 -5.18 28.24
CA MET B 126 -12.22 -5.42 28.76
C MET B 126 -13.22 -5.19 27.64
N GLN B 127 -13.24 -3.96 27.13
CA GLN B 127 -14.16 -3.55 26.10
C GLN B 127 -14.12 -4.48 24.90
N ILE B 128 -12.93 -4.82 24.43
CA ILE B 128 -12.75 -5.63 23.24
C ILE B 128 -13.46 -6.97 23.40
N ALA B 129 -13.16 -7.67 24.49
CA ALA B 129 -13.83 -8.93 24.80
C ALA B 129 -15.33 -8.72 24.90
N LYS B 130 -15.74 -7.59 25.51
CA LYS B 130 -17.15 -7.20 25.60
C LYS B 130 -17.76 -7.13 24.21
N GLY B 131 -17.11 -6.40 23.32
CA GLY B 131 -17.53 -6.27 21.92
C GLY B 131 -17.52 -7.59 21.19
N MET B 132 -16.52 -8.42 21.51
CA MET B 132 -16.36 -9.75 20.93
C MET B 132 -17.47 -10.71 21.40
N SER B 133 -17.85 -10.58 22.66
CA SER B 133 -18.95 -11.32 23.24
C SER B 133 -20.19 -11.16 22.35
N TYR B 134 -20.48 -9.91 21.98
CA TYR B 134 -21.66 -9.57 21.16
C TYR B 134 -21.74 -10.31 19.83
N LEU B 135 -20.60 -10.48 19.17
CA LEU B 135 -20.55 -11.17 17.89
C LEU B 135 -20.81 -12.67 18.05
N GLU B 136 -20.42 -13.22 19.20
CA GLU B 136 -20.72 -14.61 19.54
C GLU B 136 -22.22 -14.75 19.82
N ASP B 137 -22.84 -13.65 20.25
CA ASP B 137 -24.27 -13.64 20.55
C ASP B 137 -25.12 -13.58 19.29
N VAL B 138 -24.65 -12.82 18.29
CA VAL B 138 -25.32 -12.76 16.99
C VAL B 138 -24.85 -13.88 16.07
N ARG B 139 -24.11 -14.82 16.67
CA ARG B 139 -23.57 -15.98 15.99
C ARG B 139 -22.67 -15.62 14.80
N LEU B 140 -21.90 -14.54 14.94
CA LEU B 140 -21.04 -14.08 13.86
C LEU B 140 -19.57 -14.18 14.25
N VAL B 141 -18.79 -14.95 13.47
CA VAL B 141 -17.37 -15.17 13.75
C VAL B 141 -16.49 -14.19 12.95
N HIS B 142 -15.79 -13.31 13.67
CA HIS B 142 -14.98 -12.25 13.06
C HIS B 142 -14.04 -12.81 11.99
N ARG B 143 -13.19 -13.75 12.43
CA ARG B 143 -12.07 -14.30 11.64
C ARG B 143 -10.77 -13.49 11.76
N ASP B 144 -10.83 -12.19 11.48
CA ASP B 144 -9.61 -11.36 11.38
C ASP B 144 -9.45 -10.33 12.49
N LEU B 145 -9.09 -10.80 13.67
CA LEU B 145 -8.81 -9.92 14.79
C LEU B 145 -7.32 -9.61 14.96
N ALA B 146 -7.03 -8.31 15.00
CA ALA B 146 -5.70 -7.82 15.32
C ALA B 146 -5.84 -6.38 15.80
N ALA B 147 -4.76 -5.83 16.36
CA ALA B 147 -4.77 -4.44 16.83
C ALA B 147 -5.15 -3.47 15.71
N ARG B 148 -4.65 -3.76 14.52
CA ARG B 148 -4.92 -2.99 13.30
C ARG B 148 -6.42 -2.92 12.97
N ASN B 149 -7.21 -3.84 13.52
CA ASN B 149 -8.65 -3.88 13.27
C ASN B 149 -9.47 -3.38 14.44
N VAL B 150 -8.83 -2.68 15.37
CA VAL B 150 -9.53 -2.03 16.48
C VAL B 150 -9.41 -0.53 16.31
N LEU B 151 -10.49 0.18 16.58
CA LEU B 151 -10.55 1.62 16.40
C LEU B 151 -10.63 2.35 17.74
N VAL B 152 -10.27 3.63 17.75
CA VAL B 152 -10.36 4.43 18.98
C VAL B 152 -11.31 5.60 18.83
N LYS B 153 -12.35 5.60 19.66
CA LYS B 153 -13.31 6.71 19.70
C LYS B 153 -12.86 7.74 20.73
N SER B 154 -12.10 7.26 21.72
CA SER B 154 -11.59 8.10 22.81
C SER B 154 -10.68 7.26 23.71
N PRO B 155 -9.78 7.92 24.49
CA PRO B 155 -8.88 7.21 25.42
C PRO B 155 -9.54 6.22 26.40
N ASN B 156 -10.87 6.30 26.56
CA ASN B 156 -11.63 5.29 27.30
C ASN B 156 -12.83 4.70 26.52
N HIS B 157 -12.71 4.69 25.19
CA HIS B 157 -13.71 4.05 24.32
C HIS B 157 -13.11 3.57 23.00
N VAL B 158 -13.32 2.29 22.69
CA VAL B 158 -12.83 1.68 21.46
C VAL B 158 -13.90 0.81 20.79
N LYS B 159 -13.71 0.45 19.52
CA LYS B 159 -14.64 -0.37 18.75
C LYS B 159 -13.88 -1.28 17.77
N ILE B 160 -14.49 -2.40 17.39
CA ILE B 160 -13.83 -3.32 16.46
C ILE B 160 -14.44 -3.23 15.07
N THR B 161 -13.71 -3.72 14.07
CA THR B 161 -14.26 -3.83 12.70
C THR B 161 -13.45 -4.78 11.79
N ASP B 162 -13.72 -4.70 10.47
CA ASP B 162 -13.05 -5.47 9.41
C ASP B 162 -13.39 -6.97 9.45
N PHE B 163 -14.64 -7.27 9.85
CA PHE B 163 -15.16 -8.62 10.11
C PHE B 163 -14.94 -9.64 8.99
N GLY B 164 -13.69 -10.06 8.80
CA GLY B 164 -13.31 -11.10 7.81
C GLY B 164 -14.16 -11.18 6.55
N VAL B 183 -3.75 -14.03 4.30
CA VAL B 183 -2.64 -13.10 4.47
C VAL B 183 -2.14 -13.04 5.94
N PRO B 184 -3.03 -12.71 6.90
CA PRO B 184 -2.58 -12.58 8.30
C PRO B 184 -2.44 -13.94 9.01
N ILE B 185 -1.28 -14.56 8.84
CA ILE B 185 -1.04 -15.90 9.37
C ILE B 185 -0.80 -15.93 10.88
N LYS B 186 -0.08 -14.91 11.37
CA LYS B 186 0.50 -14.92 12.71
C LYS B 186 -0.48 -14.76 13.87
N TRP B 187 -1.67 -14.24 13.59
CA TRP B 187 -2.69 -14.04 14.60
C TRP B 187 -3.63 -15.24 14.79
N MET B 188 -3.54 -16.23 13.89
CA MET B 188 -4.50 -17.35 13.81
C MET B 188 -4.22 -18.53 14.73
N ALA B 189 -5.30 -19.14 15.21
CA ALA B 189 -5.23 -20.42 15.89
C ALA B 189 -4.65 -21.48 14.97
N LEU B 190 -4.09 -22.53 15.55
CA LEU B 190 -3.48 -23.59 14.77
C LEU B 190 -4.48 -24.26 13.81
N GLU B 191 -5.68 -24.55 14.31
CA GLU B 191 -6.70 -25.26 13.52
C GLU B 191 -7.28 -24.42 12.39
N SER B 192 -7.06 -23.12 12.45
CA SER B 192 -7.42 -22.26 11.35
C SER B 192 -6.29 -22.39 10.34
N ILE B 193 -5.08 -22.56 10.86
CA ILE B 193 -3.89 -22.65 10.04
C ILE B 193 -3.87 -24.00 9.33
N LEU B 194 -3.87 -25.09 10.10
CA LEU B 194 -3.75 -26.44 9.53
C LEU B 194 -5.00 -26.97 8.85
N ARG B 195 -6.18 -26.46 9.24
CA ARG B 195 -7.48 -26.96 8.74
C ARG B 195 -8.42 -25.88 8.18
N ARG B 196 -7.99 -24.63 8.13
CA ARG B 196 -8.87 -23.51 7.72
C ARG B 196 -10.26 -23.59 8.36
N ARG B 197 -10.27 -23.78 9.69
CA ARG B 197 -11.50 -23.83 10.48
C ARG B 197 -11.55 -22.61 11.38
N PHE B 198 -12.66 -21.88 11.32
CA PHE B 198 -12.79 -20.61 12.02
C PHE B 198 -13.98 -20.58 12.96
N THR B 199 -13.76 -20.87 14.24
CA THR B 199 -14.81 -20.74 15.24
C THR B 199 -14.52 -19.58 16.15
N HIS B 200 -15.39 -19.39 17.14
CA HIS B 200 -15.19 -18.37 18.15
C HIS B 200 -13.98 -18.75 18.99
N GLN B 201 -13.80 -20.07 19.14
CA GLN B 201 -12.63 -20.61 19.81
C GLN B 201 -11.39 -20.08 19.12
N SER B 202 -11.32 -20.29 17.80
CA SER B 202 -10.21 -19.83 16.98
C SER B 202 -9.97 -18.33 17.17
N ASP B 203 -11.00 -17.58 17.53
CA ASP B 203 -10.87 -16.15 17.72
C ASP B 203 -10.35 -15.71 19.09
N VAL B 204 -10.66 -16.48 20.13
CA VAL B 204 -10.07 -16.24 21.45
C VAL B 204 -8.56 -16.21 21.28
N TRP B 205 -8.03 -17.21 20.56
CA TRP B 205 -6.61 -17.30 20.25
C TRP B 205 -6.12 -16.00 19.66
N SER B 206 -6.88 -15.48 18.69
CA SER B 206 -6.53 -14.21 18.06
C SER B 206 -6.57 -13.07 19.08
N TYR B 207 -7.55 -13.10 19.99
CA TYR B 207 -7.70 -12.04 20.99
C TYR B 207 -6.46 -11.93 21.86
N GLY B 208 -5.93 -13.09 22.25
CA GLY B 208 -4.70 -13.14 23.01
C GLY B 208 -3.60 -12.35 22.31
N VAL B 209 -3.32 -12.70 21.06
CA VAL B 209 -2.30 -12.03 20.24
C VAL B 209 -2.51 -10.53 20.30
N THR B 210 -3.77 -10.13 20.18
CA THR B 210 -4.15 -8.72 20.27
C THR B 210 -3.79 -8.12 21.64
N VAL B 211 -4.10 -8.85 22.71
CA VAL B 211 -3.68 -8.44 24.05
C VAL B 211 -2.16 -8.29 24.16
N TRP B 212 -1.42 -9.21 23.56
CA TRP B 212 0.03 -9.16 23.57
C TRP B 212 0.53 -7.94 22.81
N GLU B 213 0.02 -7.76 21.59
CA GLU B 213 0.29 -6.59 20.74
C GLU B 213 0.19 -5.31 21.54
N LEU B 214 -0.93 -5.14 22.24
CA LEU B 214 -1.14 -3.99 23.10
C LEU B 214 -0.06 -3.92 24.17
N MET B 215 0.04 -4.98 24.97
CA MET B 215 0.95 -4.98 26.10
C MET B 215 2.40 -4.77 25.68
N THR B 216 2.68 -4.87 24.38
CA THR B 216 4.04 -4.65 23.89
C THR B 216 4.18 -3.28 23.25
N PHE B 217 3.12 -2.48 23.34
CA PHE B 217 3.03 -1.16 22.70
C PHE B 217 3.11 -1.25 21.18
N GLY B 218 2.54 -2.31 20.63
CA GLY B 218 2.51 -2.50 19.19
C GLY B 218 3.76 -3.15 18.66
N ALA B 219 4.26 -4.16 19.37
CA ALA B 219 5.38 -4.95 18.89
C ALA B 219 4.87 -5.98 17.89
N LYS B 220 5.69 -6.30 16.89
CA LYS B 220 5.30 -7.25 15.86
C LYS B 220 5.39 -8.71 16.35
N PRO B 221 4.26 -9.43 16.32
CA PRO B 221 4.27 -10.84 16.70
C PRO B 221 5.31 -11.62 15.92
N TYR B 222 6.24 -12.24 16.65
CA TYR B 222 7.27 -13.10 16.05
C TYR B 222 8.11 -12.35 15.02
N ASP B 223 8.64 -11.21 15.42
CA ASP B 223 9.41 -10.37 14.52
C ASP B 223 10.59 -11.13 13.91
N GLY B 224 10.45 -11.46 12.62
CA GLY B 224 11.54 -12.07 11.86
C GLY B 224 11.56 -13.59 11.84
N ILE B 225 10.38 -14.21 11.86
CA ILE B 225 10.27 -15.66 11.74
C ILE B 225 9.49 -16.05 10.48
N PRO B 226 10.16 -16.70 9.50
CA PRO B 226 9.51 -17.13 8.26
C PRO B 226 8.23 -17.92 8.52
N ALA B 227 7.16 -17.51 7.83
CA ALA B 227 5.79 -17.96 8.12
C ALA B 227 5.57 -19.46 8.37
N ARG B 228 6.13 -20.35 7.53
CA ARG B 228 5.82 -21.78 7.65
C ARG B 228 6.46 -22.45 8.87
N GLU B 229 7.46 -21.80 9.47
CA GLU B 229 8.11 -22.30 10.69
C GLU B 229 7.12 -22.36 11.84
N ILE B 230 6.11 -21.49 11.78
CA ILE B 230 5.14 -21.29 12.85
C ILE B 230 4.41 -22.56 13.30
N PRO B 231 3.66 -23.23 12.38
CA PRO B 231 3.09 -24.54 12.72
C PRO B 231 4.01 -25.41 13.59
N ASP B 232 5.26 -25.59 13.18
CA ASP B 232 6.21 -26.40 13.94
C ASP B 232 6.47 -25.84 15.33
N LEU B 233 6.79 -24.56 15.39
CA LEU B 233 7.17 -23.92 16.63
C LEU B 233 5.99 -23.90 17.58
N LEU B 234 4.82 -23.59 17.04
CA LEU B 234 3.58 -23.68 17.79
C LEU B 234 3.31 -25.07 18.35
N GLU B 235 3.55 -26.10 17.54
CA GLU B 235 3.25 -27.46 17.96
C GLU B 235 4.12 -27.97 19.10
N LYS B 236 5.38 -27.50 19.19
CA LYS B 236 6.27 -27.93 20.30
C LYS B 236 6.27 -26.94 21.49
N GLY B 237 5.16 -26.22 21.63
CA GLY B 237 4.92 -25.47 22.83
C GLY B 237 5.33 -24.01 22.78
N GLU B 238 6.16 -23.66 21.80
CA GLU B 238 6.58 -22.26 21.65
C GLU B 238 5.40 -21.27 21.55
N ARG B 239 5.45 -20.23 22.39
CA ARG B 239 4.48 -19.15 22.41
C ARG B 239 5.19 -17.81 22.64
N LEU B 240 4.52 -16.71 22.29
CA LEU B 240 5.03 -15.36 22.52
C LEU B 240 5.36 -15.11 23.98
N PRO B 241 6.44 -14.35 24.24
CA PRO B 241 6.93 -14.15 25.62
C PRO B 241 6.21 -13.02 26.35
N GLN B 242 6.37 -13.00 27.67
CA GLN B 242 5.70 -12.03 28.52
C GLN B 242 6.08 -10.62 28.09
N PRO B 243 5.07 -9.77 27.83
CA PRO B 243 5.37 -8.37 27.60
C PRO B 243 6.05 -7.78 28.84
N PRO B 244 7.08 -6.93 28.63
CA PRO B 244 7.90 -6.44 29.74
C PRO B 244 7.10 -5.83 30.88
N ILE B 245 5.87 -5.40 30.58
CA ILE B 245 5.02 -4.65 31.51
C ILE B 245 3.97 -5.51 32.23
N CYS B 246 3.82 -6.75 31.78
CA CYS B 246 2.87 -7.68 32.39
C CYS B 246 3.43 -8.35 33.64
N THR B 247 2.59 -8.43 34.67
CA THR B 247 2.85 -9.32 35.78
C THR B 247 2.32 -10.67 35.35
N ILE B 248 2.90 -11.73 35.87
CA ILE B 248 2.55 -13.09 35.46
C ILE B 248 1.04 -13.38 35.37
N ASP B 249 0.24 -12.64 36.16
CA ASP B 249 -1.22 -12.81 36.20
C ASP B 249 -1.84 -12.63 34.82
N VAL B 250 -1.69 -11.41 34.29
CA VAL B 250 -2.17 -11.03 32.96
C VAL B 250 -1.76 -12.04 31.90
N TYR B 251 -0.57 -12.61 32.07
CA TYR B 251 0.05 -13.45 31.07
C TYR B 251 -0.48 -14.89 31.11
N MET B 252 -0.99 -15.31 32.27
CA MET B 252 -1.61 -16.62 32.46
C MET B 252 -2.98 -16.67 31.78
N ILE B 253 -3.58 -15.51 31.63
CA ILE B 253 -4.79 -15.35 30.85
C ILE B 253 -4.42 -15.56 29.37
N MET B 254 -3.52 -14.72 28.85
CA MET B 254 -3.04 -14.80 27.47
C MET B 254 -2.64 -16.20 27.01
N VAL B 255 -1.93 -16.94 27.87
CA VAL B 255 -1.40 -18.25 27.50
C VAL B 255 -2.49 -19.27 27.26
N LYS B 256 -3.56 -19.20 28.06
CA LYS B 256 -4.69 -20.08 27.90
C LYS B 256 -5.48 -19.77 26.64
N CYS B 257 -5.27 -18.58 26.08
CA CYS B 257 -5.89 -18.23 24.82
C CYS B 257 -5.25 -19.02 23.69
N TRP B 258 -3.98 -19.33 23.87
CA TRP B 258 -3.18 -19.94 22.82
C TRP B 258 -3.09 -21.46 23.00
N MET B 259 -4.21 -22.07 23.37
CA MET B 259 -4.25 -23.52 23.60
C MET B 259 -4.36 -24.29 22.29
N ILE B 260 -3.73 -25.44 22.24
CA ILE B 260 -3.90 -26.37 21.14
C ILE B 260 -5.32 -26.93 21.23
N ASP B 261 -5.65 -27.47 22.40
CA ASP B 261 -6.99 -27.99 22.64
C ASP B 261 -7.97 -26.82 22.71
N SER B 262 -8.64 -26.59 21.59
CA SER B 262 -9.51 -25.43 21.38
C SER B 262 -10.56 -25.19 22.46
N GLU B 263 -10.98 -26.24 23.15
CA GLU B 263 -12.00 -26.11 24.19
C GLU B 263 -11.43 -25.78 25.56
N CYS B 264 -10.10 -25.80 25.68
CA CYS B 264 -9.43 -25.32 26.88
C CYS B 264 -9.29 -23.79 26.86
N ARG B 265 -9.56 -23.20 25.70
CA ARG B 265 -9.47 -21.75 25.55
C ARG B 265 -10.67 -21.12 26.23
N PRO B 266 -10.43 -20.07 27.03
CA PRO B 266 -11.49 -19.42 27.79
C PRO B 266 -12.65 -18.90 26.93
N ARG B 267 -13.79 -18.66 27.57
CA ARG B 267 -14.97 -18.07 26.92
C ARG B 267 -14.83 -16.56 26.87
N PHE B 268 -15.50 -15.93 25.90
CA PHE B 268 -15.47 -14.48 25.82
C PHE B 268 -16.21 -13.85 26.96
N ARG B 269 -17.41 -14.38 27.28
CA ARG B 269 -18.18 -13.92 28.44
C ARG B 269 -17.29 -13.94 29.69
N GLU B 270 -16.34 -14.87 29.68
CA GLU B 270 -15.44 -15.11 30.81
C GLU B 270 -14.23 -14.16 30.85
N LEU B 271 -13.65 -13.88 29.68
CA LEU B 271 -12.55 -12.92 29.57
C LEU B 271 -13.00 -11.53 29.95
N VAL B 272 -14.27 -11.22 29.68
CA VAL B 272 -14.87 -9.99 30.20
C VAL B 272 -14.74 -10.01 31.71
N SER B 273 -15.19 -11.11 32.32
CA SER B 273 -15.25 -11.23 33.78
C SER B 273 -13.86 -11.10 34.42
N GLU B 274 -12.85 -11.61 33.73
CA GLU B 274 -11.47 -11.56 34.20
C GLU B 274 -10.86 -10.16 34.11
N PHE B 275 -10.92 -9.58 32.92
CA PHE B 275 -10.35 -8.25 32.64
C PHE B 275 -11.14 -7.10 33.28
N SER B 276 -12.34 -7.39 33.79
CA SER B 276 -13.09 -6.43 34.59
C SER B 276 -12.59 -6.53 36.02
N ARG B 277 -12.63 -7.75 36.56
CA ARG B 277 -12.01 -8.08 37.84
C ARG B 277 -10.64 -7.38 37.98
N MET B 278 -9.92 -7.28 36.87
CA MET B 278 -8.60 -6.63 36.85
C MET B 278 -8.70 -5.12 36.62
N ALA B 279 -9.74 -4.69 35.92
CA ALA B 279 -9.90 -3.29 35.54
C ALA B 279 -9.77 -2.37 36.74
N ARG B 280 -10.44 -2.77 37.82
CA ARG B 280 -10.52 -1.97 39.04
C ARG B 280 -9.15 -1.54 39.59
N ASP B 281 -8.33 -2.51 40.00
CA ASP B 281 -6.98 -2.20 40.44
C ASP B 281 -6.01 -2.53 39.33
N PRO B 282 -5.81 -1.58 38.40
CA PRO B 282 -4.97 -1.88 37.27
C PRO B 282 -3.48 -1.86 37.63
N GLN B 283 -3.11 -0.98 38.56
CA GLN B 283 -1.71 -0.76 38.92
C GLN B 283 -1.05 -2.01 39.47
N ARG B 284 -1.86 -2.86 40.09
CA ARG B 284 -1.42 -4.15 40.59
C ARG B 284 -1.04 -5.09 39.46
N PHE B 285 -1.87 -5.12 38.42
CA PHE B 285 -1.75 -6.14 37.38
C PHE B 285 -0.81 -5.83 36.19
N VAL B 286 -0.76 -4.57 35.77
CA VAL B 286 0.20 -4.15 34.73
C VAL B 286 1.08 -3.02 35.25
N VAL B 287 2.38 -3.27 35.35
CA VAL B 287 3.31 -2.30 35.96
C VAL B 287 3.95 -1.37 34.92
N ILE B 288 4.02 -0.08 35.25
CA ILE B 288 4.50 0.95 34.31
C ILE B 288 5.50 1.92 34.95
N GLN B 289 6.54 2.27 34.18
CA GLN B 289 7.48 3.31 34.57
C GLN B 289 6.90 4.68 34.20
N ASN B 290 7.03 5.62 35.12
CA ASN B 290 6.43 6.94 34.94
C ASN B 290 7.48 8.04 34.88
N LEU B 299 -2.52 13.21 26.30
CA LEU B 299 -3.41 13.10 25.15
C LEU B 299 -2.64 13.32 23.86
N ASP B 300 -2.70 12.35 22.94
CA ASP B 300 -2.12 12.52 21.60
C ASP B 300 -2.36 11.38 20.62
N SER B 301 -2.55 11.75 19.35
CA SER B 301 -2.49 10.84 18.19
C SER B 301 -2.22 11.65 16.94
N THR B 302 -1.24 11.22 16.15
CA THR B 302 -0.90 11.89 14.88
C THR B 302 -2.11 11.88 13.95
N PHE B 303 -2.97 10.88 14.14
CA PHE B 303 -4.17 10.75 13.34
C PHE B 303 -5.16 11.86 13.60
N TYR B 304 -5.61 11.95 14.86
CA TYR B 304 -6.51 13.01 15.31
C TYR B 304 -6.00 14.36 14.85
N ARG B 305 -4.68 14.53 14.91
CA ARG B 305 -4.00 15.75 14.52
C ARG B 305 -4.12 16.05 13.03
N SER B 306 -3.61 15.14 12.21
CA SER B 306 -3.74 15.21 10.74
C SER B 306 -5.20 15.35 10.32
N LEU B 307 -6.11 15.02 11.23
CA LEU B 307 -7.53 15.12 10.96
C LEU B 307 -8.10 16.55 11.06
N LEU B 308 -7.34 17.48 11.62
CA LEU B 308 -7.86 18.83 11.84
C LEU B 308 -7.76 19.69 10.57
N GLU B 309 -8.94 20.02 10.03
CA GLU B 309 -9.07 20.77 8.77
C GLU B 309 -10.06 21.93 8.87
N ALA C 9 72.41 -2.20 16.08
CA ALA C 9 71.35 -1.53 16.88
C ALA C 9 72.03 -0.51 17.77
N LEU C 10 71.51 0.72 17.80
CA LEU C 10 72.02 1.78 18.71
C LEU C 10 71.05 2.94 18.83
N LEU C 11 71.41 3.91 19.68
CA LEU C 11 70.51 4.99 20.08
C LEU C 11 71.23 6.32 20.35
N ARG C 12 70.62 7.44 19.90
CA ARG C 12 71.26 8.76 19.98
C ARG C 12 70.67 9.68 21.05
N ILE C 13 71.44 9.90 22.10
CA ILE C 13 71.00 10.75 23.21
C ILE C 13 71.35 12.21 22.99
N LEU C 14 70.31 13.05 23.00
CA LEU C 14 70.51 14.48 22.95
C LEU C 14 70.40 15.06 24.35
N LYS C 15 71.35 15.90 24.72
CA LYS C 15 71.32 16.65 25.97
C LYS C 15 70.75 18.05 25.74
N GLU C 16 69.96 18.54 26.70
CA GLU C 16 69.17 19.77 26.52
C GLU C 16 69.93 20.96 25.94
N THR C 17 71.18 21.13 26.36
CA THR C 17 72.02 22.25 25.93
C THR C 17 72.01 22.43 24.42
N GLU C 18 71.82 21.32 23.71
CA GLU C 18 71.74 21.31 22.25
C GLU C 18 70.41 21.85 21.76
N LEU C 19 69.35 21.52 22.48
CA LEU C 19 67.98 21.86 22.08
C LEU C 19 67.59 23.25 22.51
N ARG C 20 67.52 24.15 21.54
CA ARG C 20 67.41 25.57 21.85
C ARG C 20 66.16 26.27 21.35
N LYS C 21 65.84 27.34 22.08
CA LYS C 21 64.65 28.18 21.90
C LYS C 21 63.39 27.36 21.65
N VAL C 22 62.83 26.83 22.73
CA VAL C 22 61.79 25.81 22.64
C VAL C 22 60.36 26.26 23.03
N LYS C 23 59.45 26.18 22.05
CA LYS C 23 58.10 26.69 22.16
C LYS C 23 57.04 25.62 21.85
N VAL C 24 55.92 25.67 22.58
CA VAL C 24 54.82 24.70 22.46
C VAL C 24 53.97 24.78 21.20
N LEU C 25 53.60 23.60 20.70
CA LEU C 25 52.63 23.50 19.60
C LEU C 25 51.28 23.08 20.16
N GLY C 26 51.18 21.84 20.60
CA GLY C 26 49.92 21.35 21.15
C GLY C 26 50.07 20.29 22.22
N SER C 27 49.07 20.26 23.11
CA SER C 27 48.97 19.22 24.13
C SER C 27 48.00 18.14 23.64
N GLY C 28 48.55 17.09 23.03
CA GLY C 28 47.76 15.92 22.58
C GLY C 28 47.64 14.89 23.69
N ALA C 29 46.78 13.89 23.48
CA ALA C 29 46.51 12.90 24.52
C ALA C 29 47.76 12.09 24.88
N PHE C 30 48.57 11.75 23.88
CA PHE C 30 49.81 11.03 24.12
C PHE C 30 50.85 11.91 24.82
N GLY C 31 50.68 13.23 24.73
CA GLY C 31 51.56 14.17 25.42
C GLY C 31 51.59 15.54 24.78
N THR C 32 52.69 16.25 25.00
CA THR C 32 52.86 17.60 24.49
C THR C 32 53.80 17.60 23.27
N VAL C 33 53.61 18.57 22.38
CA VAL C 33 54.49 18.74 21.23
C VAL C 33 54.98 20.19 21.14
N TYR C 34 56.30 20.34 21.02
CA TYR C 34 56.96 21.64 21.00
C TYR C 34 57.66 21.85 19.65
N LYS C 35 58.34 22.98 19.50
CA LYS C 35 59.26 23.19 18.37
C LYS C 35 60.53 23.89 18.86
N GLY C 36 61.60 23.84 18.07
CA GLY C 36 62.86 24.46 18.47
C GLY C 36 63.98 24.26 17.48
N ILE C 37 65.15 24.78 17.82
CA ILE C 37 66.33 24.67 16.96
C ILE C 37 67.31 23.72 17.60
N TRP C 38 67.88 22.85 16.78
CA TRP C 38 68.82 21.85 17.26
C TRP C 38 70.23 22.17 16.83
N ILE C 39 71.14 22.25 17.79
CA ILE C 39 72.55 22.46 17.47
C ILE C 39 73.40 21.32 18.01
N PRO C 40 73.49 20.23 17.24
CA PRO C 40 74.38 19.14 17.64
C PRO C 40 75.82 19.64 17.83
N ASP C 41 76.54 19.02 18.76
CA ASP C 41 77.91 19.43 19.06
C ASP C 41 78.91 19.00 18.00
N GLY C 42 79.87 19.88 17.72
CA GLY C 42 80.89 19.61 16.72
C GLY C 42 80.43 19.90 15.31
N GLU C 43 79.13 19.74 15.08
CA GLU C 43 78.51 20.04 13.79
C GLU C 43 77.96 21.47 13.84
N ASN C 44 78.30 22.27 12.84
CA ASN C 44 77.95 23.68 12.86
C ASN C 44 76.48 23.95 12.49
N VAL C 45 75.75 22.89 12.21
CA VAL C 45 74.38 23.00 11.71
C VAL C 45 73.39 23.46 12.78
N LYS C 46 72.35 24.17 12.32
CA LYS C 46 71.16 24.46 13.12
C LYS C 46 70.03 23.71 12.46
N ILE C 47 69.21 23.02 13.25
CA ILE C 47 68.13 22.18 12.72
C ILE C 47 66.76 22.38 13.38
N PRO C 48 65.74 22.76 12.57
CA PRO C 48 64.39 22.99 13.10
C PRO C 48 63.71 21.65 13.38
N VAL C 49 63.38 21.43 14.64
CA VAL C 49 62.96 20.12 15.08
C VAL C 49 61.59 20.13 15.73
N ALA C 50 60.95 18.96 15.74
CA ALA C 50 59.72 18.74 16.47
C ALA C 50 60.03 17.83 17.66
N ILE C 51 59.65 18.27 18.85
CA ILE C 51 59.92 17.52 20.08
C ILE C 51 58.64 17.05 20.76
N LYS C 52 58.49 15.72 20.91
CA LYS C 52 57.36 15.18 21.66
C LYS C 52 57.78 14.71 23.07
N VAL C 53 56.97 15.07 24.06
CA VAL C 53 57.22 14.71 25.45
C VAL C 53 56.00 14.01 26.05
N LEU C 54 56.06 12.69 26.17
CA LEU C 54 54.87 11.91 26.54
C LEU C 54 54.56 11.96 28.03
N ARG C 55 53.55 11.18 28.43
CA ARG C 55 53.15 11.05 29.83
C ARG C 55 53.19 9.60 30.32
N PRO C 60 53.69 0.19 34.50
CA PRO C 60 55.06 -0.24 34.76
C PRO C 60 55.74 -0.79 33.50
N LYS C 61 55.07 -1.72 32.82
CA LYS C 61 55.63 -2.39 31.63
C LYS C 61 55.25 -1.70 30.33
N ALA C 62 54.80 -0.45 30.44
CA ALA C 62 54.62 0.42 29.29
C ALA C 62 55.98 1.01 28.89
N ASN C 63 56.81 1.28 29.89
CA ASN C 63 58.11 1.93 29.70
C ASN C 63 59.14 1.07 28.96
N LYS C 64 59.19 -0.22 29.30
CA LYS C 64 60.10 -1.16 28.66
C LYS C 64 59.73 -1.31 27.21
N GLU C 65 58.46 -1.05 26.91
CA GLU C 65 57.93 -1.04 25.57
C GLU C 65 58.54 0.12 24.77
N ILE C 66 58.89 1.21 25.47
CA ILE C 66 59.43 2.42 24.85
C ILE C 66 60.87 2.26 24.27
N LEU C 67 61.47 1.08 24.44
CA LEU C 67 62.77 0.79 23.85
C LEU C 67 62.66 0.20 22.45
N ASP C 68 62.16 -1.04 22.40
CA ASP C 68 62.10 -1.88 21.21
C ASP C 68 61.39 -1.16 20.08
N GLU C 69 60.43 -0.33 20.48
CA GLU C 69 59.73 0.62 19.61
C GLU C 69 60.70 1.50 18.80
N ALA C 70 61.36 2.44 19.48
CA ALA C 70 62.20 3.48 18.84
C ALA C 70 63.60 3.02 18.43
N TYR C 71 63.99 1.83 18.88
CA TYR C 71 65.21 1.17 18.40
C TYR C 71 65.03 0.76 16.94
N VAL C 72 63.82 0.34 16.58
CA VAL C 72 63.41 0.09 15.19
C VAL C 72 63.55 1.37 14.33
N MET C 73 63.74 2.50 15.00
CA MET C 73 63.93 3.79 14.33
C MET C 73 65.37 3.98 13.86
N ALA C 74 66.24 3.03 14.21
CA ALA C 74 67.51 2.86 13.51
C ALA C 74 67.22 2.25 12.14
N GLY C 75 68.13 2.44 11.18
CA GLY C 75 67.92 1.95 9.81
C GLY C 75 67.68 3.04 8.79
N VAL C 76 67.06 2.68 7.67
CA VAL C 76 66.97 3.60 6.52
C VAL C 76 65.54 4.06 6.22
N GLY C 77 65.11 5.12 6.92
CA GLY C 77 63.75 5.65 6.79
C GLY C 77 63.35 6.01 5.37
N SER C 78 62.12 5.69 5.01
CA SER C 78 61.55 6.00 3.71
C SER C 78 61.30 7.50 3.55
N PRO C 79 61.47 8.03 2.33
CA PRO C 79 61.15 9.42 2.01
C PRO C 79 59.78 9.86 2.51
N TYR C 80 58.91 8.89 2.79
CA TYR C 80 57.54 9.18 3.11
C TYR C 80 57.21 8.84 4.54
N VAL C 81 58.24 8.50 5.32
CA VAL C 81 58.08 8.24 6.74
C VAL C 81 58.89 9.21 7.57
N SER C 82 58.24 9.79 8.57
CA SER C 82 58.89 10.67 9.52
C SER C 82 59.99 9.92 10.28
N ARG C 83 61.20 10.49 10.27
CA ARG C 83 62.37 9.82 10.81
C ARG C 83 62.85 10.47 12.11
N LEU C 84 62.97 9.64 13.14
CA LEU C 84 63.44 10.07 14.45
C LEU C 84 64.93 10.42 14.47
N LEU C 85 65.28 11.52 15.14
CA LEU C 85 66.67 11.94 15.22
C LEU C 85 67.35 11.38 16.45
N GLY C 86 66.62 11.41 17.56
CA GLY C 86 67.16 11.01 18.84
C GLY C 86 66.34 11.54 20.00
N ILE C 87 66.84 11.30 21.21
CA ILE C 87 66.07 11.54 22.41
C ILE C 87 66.79 12.38 23.44
N CYS C 88 66.07 13.38 23.96
CA CYS C 88 66.49 14.08 25.16
C CYS C 88 65.79 13.53 26.39
N LEU C 89 66.58 12.98 27.31
CA LEU C 89 66.10 12.50 28.59
C LEU C 89 66.37 13.54 29.66
N THR C 90 65.30 14.05 30.23
CA THR C 90 65.39 14.97 31.35
C THR C 90 64.87 14.21 32.56
N SER C 91 63.72 14.63 33.06
CA SER C 91 62.96 13.80 33.96
C SER C 91 61.79 13.22 33.17
N THR C 92 61.73 13.57 31.88
CA THR C 92 60.79 12.97 30.93
C THR C 92 61.44 12.67 29.59
N VAL C 93 60.76 11.86 28.77
CA VAL C 93 61.27 11.42 27.46
C VAL C 93 60.88 12.37 26.33
N GLN C 94 61.87 13.03 25.77
CA GLN C 94 61.61 13.89 24.64
C GLN C 94 62.10 13.21 23.38
N LEU C 95 61.19 12.99 22.45
CA LEU C 95 61.57 12.42 21.17
C LEU C 95 61.73 13.57 20.24
N VAL C 96 62.83 13.57 19.50
CA VAL C 96 63.12 14.69 18.62
C VAL C 96 63.09 14.25 17.18
N THR C 97 62.44 15.06 16.35
CA THR C 97 62.37 14.80 14.93
C THR C 97 62.45 16.13 14.15
N GLN C 98 62.93 16.08 12.91
CA GLN C 98 62.97 17.28 12.04
C GLN C 98 61.56 17.88 11.87
N LEU C 99 61.49 19.22 11.90
CA LEU C 99 60.22 19.93 11.76
C LEU C 99 59.70 19.99 10.32
N MET C 100 58.47 19.51 10.13
CA MET C 100 57.79 19.62 8.84
C MET C 100 57.10 20.97 8.73
N PRO C 101 57.55 21.80 7.78
CA PRO C 101 57.15 23.19 7.64
C PRO C 101 55.64 23.44 7.52
N TYR C 102 54.90 22.53 6.87
CA TYR C 102 53.48 22.75 6.62
C TYR C 102 52.56 22.05 7.62
N GLY C 103 53.11 21.68 8.77
CA GLY C 103 52.34 21.12 9.87
C GLY C 103 51.66 19.85 9.47
N CYS C 104 50.46 19.65 10.01
CA CYS C 104 49.70 18.42 9.81
C CYS C 104 48.76 18.51 8.63
N LEU C 105 48.56 17.36 7.99
CA LEU C 105 47.82 17.26 6.75
C LEU C 105 46.34 17.60 6.90
N LEU C 106 45.69 17.04 7.91
CA LEU C 106 44.26 17.32 8.12
C LEU C 106 43.99 18.82 8.13
N ASP C 107 44.67 19.55 9.01
CA ASP C 107 44.60 20.99 8.98
C ASP C 107 44.79 21.47 7.55
N HIS C 108 45.82 20.97 6.89
CA HIS C 108 46.17 21.45 5.56
C HIS C 108 45.00 21.32 4.59
N VAL C 109 44.42 20.13 4.51
CA VAL C 109 43.30 19.86 3.59
C VAL C 109 42.07 20.66 4.01
N ARG C 110 41.86 20.79 5.32
CA ARG C 110 40.81 21.64 5.86
C ARG C 110 40.98 23.07 5.39
N GLU C 111 42.16 23.62 5.61
CA GLU C 111 42.41 25.02 5.28
C GLU C 111 42.43 25.24 3.77
N ASN C 112 42.62 24.17 3.00
CA ASN C 112 42.75 24.28 1.55
C ASN C 112 41.55 23.83 0.72
N ARG C 113 40.45 23.49 1.39
CA ARG C 113 39.22 23.06 0.72
C ARG C 113 39.01 23.70 -0.65
N GLY C 114 39.08 25.03 -0.70
CA GLY C 114 38.86 25.80 -1.93
C GLY C 114 39.84 25.57 -3.07
N ARG C 115 41.12 25.70 -2.78
CA ARG C 115 42.16 25.72 -3.83
C ARG C 115 42.62 24.36 -4.38
N LEU C 116 42.47 23.31 -3.58
CA LEU C 116 43.02 21.99 -3.90
C LEU C 116 42.51 21.34 -5.18
N GLY C 117 43.34 20.45 -5.72
CA GLY C 117 43.03 19.72 -6.94
C GLY C 117 43.21 18.22 -6.79
N SER C 118 42.78 17.50 -7.82
CA SER C 118 42.83 16.03 -7.84
C SER C 118 44.24 15.51 -8.14
N GLN C 119 45.00 16.32 -8.87
CA GLN C 119 46.43 16.06 -9.10
C GLN C 119 47.15 15.86 -7.77
N ASP C 120 46.92 16.79 -6.84
CA ASP C 120 47.53 16.79 -5.50
C ASP C 120 47.03 15.64 -4.65
N LEU C 121 45.74 15.35 -4.76
CA LEU C 121 45.04 14.48 -3.83
C LEU C 121 45.43 13.01 -3.94
N LEU C 122 45.50 12.51 -5.17
CA LEU C 122 45.94 11.14 -5.43
C LEU C 122 47.44 10.96 -5.19
N ASN C 123 48.21 11.98 -5.59
CA ASN C 123 49.64 12.02 -5.37
C ASN C 123 49.99 11.67 -3.92
N TRP C 124 49.21 12.20 -2.99
CA TRP C 124 49.38 11.90 -1.60
C TRP C 124 49.04 10.46 -1.29
N CYS C 125 47.79 10.09 -1.54
CA CYS C 125 47.32 8.73 -1.29
C CYS C 125 48.31 7.66 -1.77
N MET C 126 49.00 7.95 -2.86
CA MET C 126 50.10 7.13 -3.32
C MET C 126 51.21 7.14 -2.28
N GLN C 127 51.65 8.34 -1.92
CA GLN C 127 52.74 8.53 -0.99
C GLN C 127 52.50 7.82 0.36
N ILE C 128 51.40 8.14 1.03
CA ILE C 128 51.03 7.49 2.29
C ILE C 128 51.05 5.98 2.14
N ALA C 129 50.54 5.49 1.02
CA ALA C 129 50.53 4.07 0.74
C ALA C 129 51.93 3.55 0.62
N LYS C 130 52.80 4.36 0.03
CA LYS C 130 54.18 3.96 -0.18
C LYS C 130 54.95 3.98 1.13
N GLY C 131 54.64 4.96 1.98
CA GLY C 131 55.17 5.01 3.33
C GLY C 131 54.78 3.80 4.15
N MET C 132 53.48 3.48 4.13
CA MET C 132 52.97 2.28 4.78
C MET C 132 53.58 1.01 4.20
N SER C 133 53.84 1.01 2.90
CA SER C 133 54.49 -0.11 2.22
C SER C 133 55.89 -0.35 2.79
N TYR C 134 56.59 0.73 3.13
CA TYR C 134 57.92 0.64 3.74
C TYR C 134 57.90 0.09 5.17
N LEU C 135 57.01 0.63 6.01
CA LEU C 135 56.88 0.17 7.38
C LEU C 135 56.42 -1.27 7.35
N GLU C 136 55.62 -1.61 6.35
CA GLU C 136 55.24 -3.01 6.12
C GLU C 136 56.51 -3.85 6.03
N ASP C 137 57.51 -3.35 5.30
CA ASP C 137 58.76 -4.09 5.10
C ASP C 137 59.55 -4.19 6.40
N VAL C 138 59.66 -3.08 7.10
CA VAL C 138 60.45 -3.03 8.33
C VAL C 138 59.72 -3.62 9.54
N ARG C 139 58.63 -4.33 9.28
CA ARG C 139 57.91 -5.12 10.29
C ARG C 139 57.39 -4.34 11.52
N LEU C 140 57.02 -3.08 11.32
CA LEU C 140 56.44 -2.31 12.42
C LEU C 140 55.02 -1.81 12.10
N VAL C 141 54.06 -2.23 12.93
CA VAL C 141 52.63 -1.91 12.76
C VAL C 141 52.34 -0.52 13.33
N HIS C 142 51.54 0.25 12.60
CA HIS C 142 51.35 1.66 12.91
C HIS C 142 50.40 1.92 14.06
N ARG C 143 49.21 1.32 13.95
CA ARG C 143 48.17 1.31 14.98
C ARG C 143 47.27 2.54 15.04
N ASP C 144 47.79 3.69 14.59
CA ASP C 144 47.01 4.94 14.64
C ASP C 144 46.93 5.68 13.29
N LEU C 145 47.06 4.96 12.17
CA LEU C 145 47.02 5.66 10.90
C LEU C 145 45.71 6.42 10.71
N ALA C 146 45.86 7.71 10.49
CA ALA C 146 44.75 8.64 10.27
C ALA C 146 45.32 9.88 9.62
N ALA C 147 44.48 10.66 8.95
CA ALA C 147 44.95 11.89 8.36
C ALA C 147 45.64 12.76 9.41
N ARG C 148 45.15 12.70 10.65
CA ARG C 148 45.72 13.49 11.75
C ARG C 148 47.22 13.24 11.93
N ASN C 149 47.68 12.05 11.54
CA ASN C 149 49.09 11.66 11.67
C ASN C 149 49.88 11.57 10.35
N VAL C 150 49.55 12.47 9.44
CA VAL C 150 50.34 12.67 8.23
C VAL C 150 50.81 14.14 8.24
N LEU C 151 52.10 14.36 8.06
CA LEU C 151 52.66 15.71 8.13
C LEU C 151 53.05 16.18 6.76
N VAL C 152 53.11 17.50 6.57
CA VAL C 152 53.37 18.05 5.24
C VAL C 152 54.75 18.68 5.18
N LYS C 153 55.61 18.06 4.39
CA LYS C 153 56.97 18.55 4.16
C LYS C 153 56.94 19.66 3.12
N SER C 154 56.20 19.43 2.05
CA SER C 154 56.03 20.39 0.96
C SER C 154 54.70 20.11 0.28
N PRO C 155 54.10 21.12 -0.39
CA PRO C 155 52.77 20.96 -0.98
C PRO C 155 52.58 19.73 -1.89
N ASN C 156 53.63 18.91 -2.02
CA ASN C 156 53.64 17.79 -2.94
C ASN C 156 54.21 16.49 -2.33
N HIS C 157 54.77 16.61 -1.13
CA HIS C 157 55.56 15.54 -0.50
C HIS C 157 55.27 15.43 1.01
N VAL C 158 54.75 14.28 1.45
CA VAL C 158 54.17 14.11 2.80
C VAL C 158 54.73 12.92 3.60
N LYS C 159 54.73 13.05 4.93
CA LYS C 159 55.31 12.02 5.82
C LYS C 159 54.34 11.50 6.88
N ILE C 160 54.39 10.19 7.11
CA ILE C 160 53.57 9.53 8.11
C ILE C 160 54.34 9.55 9.42
N THR C 161 53.65 9.86 10.52
CA THR C 161 54.33 9.84 11.82
C THR C 161 53.58 9.05 12.90
N ASP C 162 54.12 9.05 14.12
CA ASP C 162 53.45 8.55 15.34
C ASP C 162 53.73 7.10 15.71
N PHE C 163 53.08 6.16 15.03
CA PHE C 163 53.15 4.73 15.35
C PHE C 163 53.69 4.40 16.77
N GLY C 164 52.82 4.49 17.78
CA GLY C 164 53.23 4.22 19.16
C GLY C 164 52.21 4.46 20.27
N LEU C 165 51.35 3.46 20.51
CA LEU C 165 50.35 3.47 21.59
C LEU C 165 50.72 2.40 22.61
N VAL C 183 42.25 6.21 21.83
CA VAL C 183 40.99 5.47 21.81
C VAL C 183 40.17 5.67 20.49
N PRO C 184 40.86 5.90 19.34
CA PRO C 184 40.15 6.23 18.10
C PRO C 184 39.56 5.00 17.39
N ILE C 185 38.31 4.69 17.72
CA ILE C 185 37.57 3.54 17.15
C ILE C 185 37.20 3.71 15.67
N LYS C 186 36.87 4.93 15.27
CA LYS C 186 36.32 5.17 13.95
C LYS C 186 37.31 5.02 12.81
N TRP C 187 38.59 4.93 13.16
CA TRP C 187 39.63 4.67 12.17
C TRP C 187 40.08 3.23 12.28
N MET C 188 39.58 2.56 13.31
CA MET C 188 40.02 1.21 13.63
C MET C 188 39.30 0.13 12.85
N ALA C 189 40.00 -0.98 12.66
CA ALA C 189 39.40 -2.18 12.09
C ALA C 189 38.46 -2.84 13.09
N LEU C 190 37.76 -3.88 12.67
CA LEU C 190 36.81 -4.58 13.54
C LEU C 190 37.53 -5.43 14.58
N GLU C 191 38.44 -6.29 14.14
CA GLU C 191 39.22 -7.12 15.07
C GLU C 191 39.98 -6.25 16.07
N SER C 192 40.50 -5.13 15.58
CA SER C 192 41.18 -4.16 16.41
C SER C 192 40.26 -3.64 17.53
N ILE C 193 38.97 -3.53 17.24
CA ILE C 193 38.01 -3.09 18.26
C ILE C 193 37.80 -4.21 19.27
N LEU C 194 37.45 -5.38 18.75
CA LEU C 194 36.89 -6.47 19.56
C LEU C 194 37.94 -7.39 20.17
N ARG C 195 38.90 -7.84 19.35
CA ARG C 195 39.96 -8.74 19.79
C ARG C 195 41.21 -7.97 20.24
N ARG C 196 41.28 -6.70 19.84
CA ARG C 196 42.43 -5.84 20.10
C ARG C 196 43.71 -6.39 19.48
N ARG C 197 43.57 -7.02 18.32
CA ARG C 197 44.72 -7.49 17.55
C ARG C 197 44.99 -6.58 16.35
N PHE C 198 46.26 -6.31 16.11
CA PHE C 198 46.70 -5.34 15.09
C PHE C 198 47.70 -5.91 14.10
N THR C 199 47.25 -6.17 12.88
CA THR C 199 48.15 -6.55 11.82
C THR C 199 48.38 -5.38 10.86
N HIS C 200 49.08 -5.67 9.78
CA HIS C 200 49.27 -4.72 8.71
C HIS C 200 47.99 -4.59 7.92
N GLN C 201 47.21 -5.66 7.92
CA GLN C 201 45.90 -5.69 7.28
C GLN C 201 44.89 -4.79 8.00
N SER C 202 45.03 -4.67 9.32
CA SER C 202 44.19 -3.79 10.11
C SER C 202 44.62 -2.34 9.94
N ASP C 203 45.87 -2.13 9.57
CA ASP C 203 46.37 -0.79 9.23
C ASP C 203 45.80 -0.29 7.89
N VAL C 204 45.42 -1.24 7.03
CA VAL C 204 44.85 -0.93 5.73
C VAL C 204 43.46 -0.34 5.90
N TRP C 205 42.69 -0.88 6.84
CA TRP C 205 41.40 -0.31 7.17
C TRP C 205 41.61 1.14 7.51
N SER C 206 42.44 1.40 8.51
CA SER C 206 42.81 2.74 8.91
C SER C 206 43.10 3.64 7.70
N TYR C 207 43.93 3.12 6.78
CA TYR C 207 44.28 3.79 5.53
C TYR C 207 43.05 4.18 4.70
N GLY C 208 42.17 3.22 4.47
CA GLY C 208 40.91 3.47 3.79
C GLY C 208 40.24 4.71 4.37
N VAL C 209 40.01 4.70 5.67
CA VAL C 209 39.38 5.84 6.35
C VAL C 209 40.18 7.13 6.09
N THR C 210 41.51 7.02 6.09
CA THR C 210 42.38 8.15 5.80
C THR C 210 42.17 8.72 4.40
N VAL C 211 41.97 7.83 3.43
CA VAL C 211 41.66 8.26 2.06
C VAL C 211 40.31 8.96 1.97
N TRP C 212 39.27 8.32 2.53
CA TRP C 212 37.96 8.95 2.63
C TRP C 212 38.08 10.33 3.24
N GLU C 213 38.76 10.42 4.39
CA GLU C 213 39.09 11.70 5.01
C GLU C 213 39.55 12.75 4.00
N LEU C 214 40.47 12.35 3.13
CA LEU C 214 41.06 13.29 2.17
C LEU C 214 40.13 13.63 1.01
N MET C 215 39.31 12.68 0.58
CA MET C 215 38.37 12.94 -0.52
C MET C 215 37.14 13.70 -0.04
N THR C 216 37.02 13.84 1.27
CA THR C 216 35.91 14.57 1.85
C THR C 216 36.34 15.97 2.23
N PHE C 217 37.54 16.34 1.77
CA PHE C 217 38.20 17.57 2.18
C PHE C 217 38.28 17.67 3.70
N GLY C 218 38.46 16.52 4.35
CA GLY C 218 38.69 16.45 5.79
C GLY C 218 37.47 16.27 6.66
N ALA C 219 36.45 15.55 6.18
CA ALA C 219 35.26 15.30 6.97
C ALA C 219 35.53 14.37 8.17
N LYS C 220 34.71 14.49 9.21
CA LYS C 220 34.81 13.59 10.36
C LYS C 220 33.95 12.34 10.11
N PRO C 221 34.58 11.15 10.06
CA PRO C 221 33.91 9.87 9.76
C PRO C 221 32.86 9.44 10.78
N TYR C 222 31.72 8.95 10.30
CA TYR C 222 30.58 8.57 11.14
C TYR C 222 30.24 9.68 12.13
N ASP C 223 30.13 10.90 11.62
CA ASP C 223 29.82 12.04 12.46
C ASP C 223 28.44 11.87 13.05
N GLY C 224 28.31 12.10 14.35
CA GLY C 224 27.02 12.05 15.03
C GLY C 224 26.63 10.65 15.46
N ILE C 225 27.06 9.65 14.68
CA ILE C 225 26.93 8.25 15.04
C ILE C 225 27.94 7.98 16.14
N PRO C 226 27.47 7.65 17.35
CA PRO C 226 28.39 7.51 18.48
C PRO C 226 29.23 6.22 18.42
N ALA C 227 30.33 6.19 19.17
CA ALA C 227 31.33 5.12 19.07
C ALA C 227 30.88 3.71 19.51
N ARG C 228 29.89 3.64 20.41
CA ARG C 228 29.39 2.36 20.91
C ARG C 228 28.81 1.47 19.80
N GLU C 229 28.10 2.09 18.87
CA GLU C 229 27.30 1.37 17.88
C GLU C 229 28.10 0.92 16.67
N ILE C 230 29.25 1.54 16.46
CA ILE C 230 30.08 1.29 15.28
C ILE C 230 30.31 -0.20 15.01
N PRO C 231 30.92 -0.95 15.96
CA PRO C 231 31.15 -2.37 15.69
C PRO C 231 29.83 -3.04 15.34
N ASP C 232 28.86 -2.89 16.24
CA ASP C 232 27.53 -3.46 16.10
C ASP C 232 27.04 -3.38 14.65
N LEU C 233 27.14 -2.19 14.06
CA LEU C 233 26.55 -1.97 12.74
C LEU C 233 27.54 -1.92 11.58
N LEU C 234 28.83 -2.07 11.89
CA LEU C 234 29.80 -2.41 10.86
C LEU C 234 29.51 -3.83 10.40
N GLU C 235 29.09 -4.67 11.35
CA GLU C 235 28.64 -6.04 11.07
C GLU C 235 27.47 -6.07 10.08
N LYS C 236 26.65 -5.02 10.10
CA LYS C 236 25.55 -4.86 9.16
C LYS C 236 26.06 -4.49 7.75
N GLY C 237 27.37 -4.61 7.55
CA GLY C 237 27.99 -4.30 6.26
C GLY C 237 27.89 -2.84 5.85
N GLU C 238 27.36 -2.02 6.77
CA GLU C 238 27.19 -0.59 6.53
C GLU C 238 28.53 0.14 6.69
N ARG C 239 28.81 1.05 5.75
CA ARG C 239 30.12 1.75 5.65
C ARG C 239 29.99 3.23 5.26
N LEU C 240 31.09 3.97 5.35
CA LEU C 240 31.14 5.39 4.97
C LEU C 240 30.64 5.64 3.55
N PRO C 241 29.88 6.73 3.34
CA PRO C 241 29.32 7.03 2.03
C PRO C 241 30.37 7.51 1.05
N GLN C 242 30.20 7.17 -0.22
CA GLN C 242 31.07 7.66 -1.28
C GLN C 242 31.17 9.17 -1.21
N PRO C 243 32.41 9.70 -1.10
CA PRO C 243 32.68 11.13 -1.04
C PRO C 243 32.13 11.82 -2.29
N PRO C 244 31.84 13.14 -2.20
CA PRO C 244 31.12 13.69 -3.35
C PRO C 244 32.00 13.65 -4.58
N ILE C 245 33.24 14.11 -4.44
CA ILE C 245 34.15 14.29 -5.56
C ILE C 245 34.71 12.97 -6.11
N CYS C 246 34.10 11.85 -5.71
CA CYS C 246 34.71 10.56 -5.90
C CYS C 246 34.08 9.74 -7.00
N THR C 247 34.91 9.03 -7.75
CA THR C 247 34.38 8.07 -8.69
C THR C 247 34.33 6.69 -8.08
N ILE C 248 33.49 5.85 -8.67
CA ILE C 248 33.32 4.48 -8.23
C ILE C 248 34.65 3.70 -8.22
N ASP C 249 35.55 4.05 -9.14
CA ASP C 249 36.85 3.40 -9.26
C ASP C 249 37.69 3.70 -8.04
N VAL C 250 37.55 4.93 -7.52
CA VAL C 250 38.24 5.33 -6.31
C VAL C 250 37.51 4.78 -5.09
N TYR C 251 36.18 4.78 -5.12
CA TYR C 251 35.40 4.34 -3.97
C TYR C 251 35.47 2.84 -3.69
N MET C 252 35.58 2.05 -4.75
CA MET C 252 35.79 0.60 -4.64
C MET C 252 36.92 0.25 -3.71
N ILE C 253 37.98 1.05 -3.77
CA ILE C 253 39.22 0.80 -3.02
C ILE C 253 39.07 1.09 -1.53
N MET C 254 38.23 2.06 -1.17
CA MET C 254 37.91 2.32 0.24
C MET C 254 37.17 1.13 0.85
N VAL C 255 36.17 0.65 0.13
CA VAL C 255 35.39 -0.50 0.55
C VAL C 255 36.29 -1.75 0.64
N LYS C 256 37.18 -1.91 -0.32
CA LYS C 256 38.12 -3.01 -0.36
C LYS C 256 38.88 -3.10 0.98
N CYS C 257 39.21 -1.95 1.55
CA CYS C 257 39.95 -1.88 2.79
C CYS C 257 39.10 -2.21 3.99
N TRP C 258 37.79 -2.08 3.80
CA TRP C 258 36.83 -2.23 4.88
C TRP C 258 36.14 -3.59 4.90
N MET C 259 36.78 -4.59 4.30
CA MET C 259 36.30 -5.96 4.35
C MET C 259 36.51 -6.49 5.75
N ILE C 260 35.51 -7.18 6.28
CA ILE C 260 35.61 -7.83 7.59
C ILE C 260 36.62 -8.96 7.49
N ASP C 261 36.55 -9.68 6.38
CA ASP C 261 37.48 -10.73 6.03
C ASP C 261 38.80 -10.07 5.67
N SER C 262 39.62 -9.84 6.69
CA SER C 262 40.81 -9.00 6.57
C SER C 262 41.81 -9.47 5.51
N GLU C 263 41.83 -10.77 5.27
CA GLU C 263 42.69 -11.33 4.23
C GLU C 263 42.24 -10.88 2.86
N CYS C 264 40.96 -10.55 2.73
CA CYS C 264 40.45 -10.04 1.47
C CYS C 264 40.66 -8.52 1.32
N ARG C 265 41.49 -7.94 2.18
CA ARG C 265 41.92 -6.56 2.02
C ARG C 265 43.20 -6.52 1.18
N PRO C 266 43.39 -5.44 0.39
CA PRO C 266 44.52 -5.40 -0.53
C PRO C 266 45.86 -5.12 0.16
N ARG C 267 46.92 -5.75 -0.35
CA ARG C 267 48.27 -5.55 0.14
C ARG C 267 48.71 -4.13 -0.23
N PHE C 268 49.46 -3.48 0.67
CA PHE C 268 49.88 -2.09 0.44
C PHE C 268 50.57 -1.87 -0.89
N ARG C 269 51.40 -2.84 -1.30
CA ARG C 269 52.03 -2.79 -2.62
C ARG C 269 50.98 -2.54 -3.71
N GLU C 270 49.88 -3.30 -3.63
CA GLU C 270 48.79 -3.14 -4.57
C GLU C 270 48.24 -1.73 -4.54
N LEU C 271 48.08 -1.18 -3.35
CA LEU C 271 47.49 0.16 -3.21
C LEU C 271 48.30 1.19 -3.97
N VAL C 272 49.62 1.12 -3.82
CA VAL C 272 50.57 2.02 -4.48
C VAL C 272 50.46 1.92 -6.01
N SER C 273 50.50 0.70 -6.53
CA SER C 273 50.42 0.51 -7.96
C SER C 273 49.17 1.19 -8.51
N GLU C 274 48.01 0.80 -7.98
CA GLU C 274 46.74 1.38 -8.44
C GLU C 274 46.75 2.89 -8.31
N PHE C 275 46.99 3.42 -7.11
CA PHE C 275 47.08 4.86 -6.93
C PHE C 275 48.07 5.54 -7.91
N SER C 276 49.04 4.79 -8.43
CA SER C 276 49.95 5.29 -9.46
C SER C 276 49.26 5.36 -10.81
N ARG C 277 48.48 4.34 -11.15
CA ARG C 277 47.65 4.36 -12.35
C ARG C 277 46.81 5.63 -12.40
N MET C 278 46.02 5.87 -11.35
CA MET C 278 45.09 6.99 -11.32
C MET C 278 45.78 8.35 -11.46
N ALA C 279 46.99 8.45 -10.95
CA ALA C 279 47.73 9.71 -10.95
C ALA C 279 48.08 10.15 -12.36
N ARG C 280 48.05 9.23 -13.32
CA ARG C 280 48.42 9.59 -14.68
C ARG C 280 47.24 10.05 -15.55
N ASP C 281 46.04 10.02 -14.97
CA ASP C 281 44.91 10.78 -15.48
C ASP C 281 43.93 10.97 -14.35
N PRO C 282 44.19 11.93 -13.45
CA PRO C 282 43.40 12.12 -12.24
C PRO C 282 41.98 12.69 -12.44
N GLN C 283 41.79 13.55 -13.43
CA GLN C 283 40.47 14.11 -13.67
C GLN C 283 39.48 13.07 -14.13
N ARG C 284 40.00 11.93 -14.58
CA ARG C 284 39.17 10.77 -14.92
C ARG C 284 38.71 10.05 -13.65
N PHE C 285 39.40 10.27 -12.53
CA PHE C 285 39.13 9.55 -11.28
C PHE C 285 38.69 10.44 -10.12
N VAL C 286 39.00 11.72 -10.19
CA VAL C 286 38.51 12.65 -9.18
C VAL C 286 38.00 13.89 -9.85
N VAL C 287 36.78 14.29 -9.47
CA VAL C 287 36.15 15.44 -10.10
C VAL C 287 35.93 16.61 -9.15
N ILE C 288 36.78 17.63 -9.29
CA ILE C 288 36.66 18.90 -8.59
C ILE C 288 36.36 19.99 -9.64
N GLN C 289 36.64 21.27 -9.35
CA GLN C 289 36.46 22.35 -10.32
C GLN C 289 37.77 22.96 -10.87
N ASN C 290 37.75 24.26 -11.13
CA ASN C 290 38.77 24.87 -11.96
C ASN C 290 38.95 26.34 -11.63
N LEU C 299 47.04 28.20 -2.57
CA LEU C 299 47.59 27.13 -1.74
C LEU C 299 48.41 27.72 -0.60
N ASP C 300 47.84 27.70 0.62
CA ASP C 300 48.48 28.27 1.82
C ASP C 300 48.34 27.40 3.06
N SER C 301 49.14 27.72 4.09
CA SER C 301 49.03 27.11 5.40
C SER C 301 49.09 28.17 6.48
N THR C 302 48.27 28.02 7.51
CA THR C 302 48.31 28.92 8.66
C THR C 302 49.59 28.62 9.43
N PHE C 303 49.86 27.33 9.57
CA PHE C 303 50.99 26.88 10.36
C PHE C 303 52.31 27.39 9.80
N TYR C 304 52.51 27.18 8.50
CA TYR C 304 53.72 27.61 7.82
C TYR C 304 53.91 29.09 8.01
N ARG C 305 52.83 29.85 7.84
CA ARG C 305 52.84 31.30 8.03
C ARG C 305 53.25 31.68 9.45
N SER C 306 52.83 30.86 10.41
CA SER C 306 53.17 31.04 11.82
C SER C 306 54.66 30.82 12.11
N LEU C 307 55.32 30.01 11.29
CA LEU C 307 56.75 29.76 11.46
C LEU C 307 57.59 30.97 11.08
N LEU C 308 57.17 31.69 10.05
CA LEU C 308 57.89 32.85 9.58
C LEU C 308 57.95 33.92 10.67
N GLU C 309 58.85 33.64 11.61
CA GLU C 309 59.18 34.46 12.77
C GLU C 309 60.21 33.75 13.68
N ASP C 310 61.36 34.40 13.88
CA ASP C 310 62.40 34.02 14.88
C ASP C 310 63.13 32.66 14.74
N ASP C 311 62.96 31.99 13.60
CA ASP C 311 63.63 30.71 13.28
C ASP C 311 63.48 30.29 11.81
N ASP C 315 64.59 26.96 7.99
CA ASP C 315 63.82 25.78 7.55
C ASP C 315 64.18 25.33 6.13
N LEU C 316 65.29 24.60 6.02
CA LEU C 316 65.74 24.08 4.73
C LEU C 316 66.31 22.67 4.88
N VAL C 317 67.37 22.37 4.10
CA VAL C 317 68.06 21.07 4.01
C VAL C 317 67.59 19.96 4.97
N ASP C 318 67.20 18.83 4.38
CA ASP C 318 66.60 17.70 5.08
C ASP C 318 67.35 17.19 6.32
N ALA C 319 68.66 17.03 6.22
CA ALA C 319 69.54 16.70 7.36
C ALA C 319 69.41 15.29 7.93
N GLU C 320 69.66 14.29 7.10
CA GLU C 320 69.66 12.90 7.55
C GLU C 320 71.10 12.42 7.87
N GLU C 321 72.02 13.40 7.92
CA GLU C 321 73.41 13.24 8.43
C GLU C 321 73.99 11.81 8.46
N ALA D 9 24.41 10.26 7.10
CA ALA D 9 24.05 9.79 5.73
C ALA D 9 25.01 8.70 5.27
N LEU D 10 24.78 7.47 5.73
CA LEU D 10 25.72 6.38 5.51
C LEU D 10 25.35 5.54 4.30
N LEU D 11 25.96 4.35 4.16
CA LEU D 11 25.79 3.50 2.97
C LEU D 11 25.96 2.00 3.24
N ARG D 12 25.05 1.19 2.72
CA ARG D 12 25.02 -0.25 3.00
C ARG D 12 25.71 -1.13 1.94
N ILE D 13 26.88 -1.67 2.28
CA ILE D 13 27.66 -2.49 1.35
C ILE D 13 27.30 -3.96 1.54
N LEU D 14 27.26 -4.71 0.43
CA LEU D 14 26.90 -6.14 0.47
C LEU D 14 27.94 -7.12 -0.11
N LYS D 15 28.17 -8.23 0.61
CA LYS D 15 29.12 -9.28 0.22
C LYS D 15 28.56 -10.19 -0.88
N GLU D 16 29.43 -10.66 -1.76
CA GLU D 16 29.04 -11.55 -2.86
C GLU D 16 28.26 -12.76 -2.36
N THR D 17 28.65 -13.27 -1.19
CA THR D 17 28.09 -14.50 -0.62
C THR D 17 26.58 -14.44 -0.32
N GLU D 18 26.13 -13.29 0.16
CA GLU D 18 24.73 -13.15 0.56
C GLU D 18 23.79 -13.22 -0.63
N LEU D 19 24.22 -12.64 -1.75
CA LEU D 19 23.38 -12.57 -2.95
C LEU D 19 23.54 -13.79 -3.84
N ARG D 20 22.42 -14.24 -4.41
CA ARG D 20 22.41 -15.27 -5.43
C ARG D 20 21.46 -14.83 -6.54
N LYS D 21 22.00 -14.72 -7.75
CA LYS D 21 21.19 -14.35 -8.91
C LYS D 21 20.43 -15.56 -9.43
N VAL D 22 19.30 -15.30 -10.07
CA VAL D 22 18.43 -16.35 -10.56
C VAL D 22 18.08 -16.08 -12.03
N LYS D 23 17.04 -15.28 -12.27
CA LYS D 23 16.53 -15.06 -13.62
C LYS D 23 17.19 -13.83 -14.28
N VAL D 24 17.59 -13.99 -15.54
CA VAL D 24 18.14 -12.92 -16.37
C VAL D 24 17.06 -11.89 -16.74
N LEU D 25 16.75 -10.99 -15.81
CA LEU D 25 15.56 -10.16 -15.93
C LEU D 25 15.55 -9.05 -16.99
N GLY D 26 16.72 -8.67 -17.51
CA GLY D 26 16.77 -7.61 -18.52
C GLY D 26 18.12 -7.12 -18.99
N SER D 27 18.22 -6.82 -20.29
CA SER D 27 19.44 -6.25 -20.86
C SER D 27 19.19 -4.90 -21.54
N GLY D 28 19.97 -3.91 -21.12
CA GLY D 28 20.00 -2.61 -21.77
C GLY D 28 21.42 -2.17 -22.07
N ALA D 29 21.55 -1.04 -22.76
CA ALA D 29 22.86 -0.43 -23.00
C ALA D 29 23.49 0.03 -21.69
N PHE D 30 22.65 0.55 -20.78
CA PHE D 30 23.08 0.99 -19.44
C PHE D 30 23.82 -0.13 -18.72
N GLY D 31 23.18 -1.30 -18.66
CA GLY D 31 23.69 -2.48 -17.98
C GLY D 31 22.65 -3.60 -17.95
N THR D 32 22.99 -4.70 -17.30
CA THR D 32 22.11 -5.88 -17.24
C THR D 32 21.24 -5.80 -16.00
N VAL D 33 20.09 -6.49 -16.00
CA VAL D 33 19.24 -6.62 -14.82
C VAL D 33 18.84 -8.09 -14.58
N TYR D 34 19.03 -8.55 -13.35
CA TYR D 34 18.71 -9.93 -12.95
C TYR D 34 17.76 -9.94 -11.77
N LYS D 35 17.16 -11.09 -11.52
CA LYS D 35 16.45 -11.30 -10.27
C LYS D 35 17.33 -12.15 -9.38
N GLY D 36 17.08 -12.08 -8.08
CA GLY D 36 17.85 -12.85 -7.13
C GLY D 36 17.24 -12.84 -5.75
N ILE D 37 17.89 -13.54 -4.83
CA ILE D 37 17.46 -13.60 -3.44
C ILE D 37 18.60 -13.04 -2.58
N TRP D 38 18.23 -12.17 -1.63
CA TRP D 38 19.16 -11.58 -0.69
C TRP D 38 18.96 -12.12 0.71
N ILE D 39 19.89 -12.96 1.16
CA ILE D 39 19.92 -13.37 2.55
C ILE D 39 20.91 -12.47 3.25
N PRO D 40 20.40 -11.62 4.16
CA PRO D 40 21.29 -10.87 5.05
C PRO D 40 21.94 -11.83 6.02
N ASP D 41 23.08 -11.42 6.57
CA ASP D 41 23.85 -12.27 7.49
C ASP D 41 23.23 -12.35 8.88
N GLY D 42 23.36 -13.52 9.50
CA GLY D 42 22.83 -13.79 10.83
C GLY D 42 21.31 -13.79 10.89
N GLU D 43 20.67 -13.25 9.85
CA GLU D 43 19.21 -13.08 9.81
C GLU D 43 18.47 -14.14 9.00
N ASN D 44 17.36 -14.58 9.57
CA ASN D 44 16.63 -15.73 9.08
C ASN D 44 15.60 -15.40 8.01
N VAL D 45 16.03 -14.60 7.03
CA VAL D 45 15.14 -14.07 6.02
C VAL D 45 15.72 -14.24 4.62
N LYS D 46 14.85 -14.10 3.62
CA LYS D 46 15.22 -14.22 2.22
C LYS D 46 14.46 -13.15 1.45
N ILE D 47 15.11 -12.02 1.18
CA ILE D 47 14.45 -10.94 0.46
C ILE D 47 14.68 -11.08 -1.04
N PRO D 48 13.58 -11.21 -1.82
CA PRO D 48 13.74 -11.26 -3.26
C PRO D 48 14.05 -9.88 -3.81
N VAL D 49 15.12 -9.77 -4.58
CA VAL D 49 15.59 -8.47 -5.05
C VAL D 49 15.86 -8.43 -6.55
N ALA D 50 15.98 -7.22 -7.09
CA ALA D 50 16.44 -7.00 -8.46
C ALA D 50 17.81 -6.32 -8.42
N ILE D 51 18.64 -6.59 -9.42
CA ILE D 51 20.06 -6.18 -9.40
C ILE D 51 20.61 -5.68 -10.73
N LYS D 52 21.23 -4.50 -10.72
CA LYS D 52 21.86 -3.97 -11.91
C LYS D 52 23.39 -4.10 -11.89
N VAL D 53 23.93 -4.90 -12.80
CA VAL D 53 25.39 -4.99 -13.01
C VAL D 53 25.86 -3.99 -14.08
N LEU D 54 26.77 -3.12 -13.68
CA LEU D 54 27.24 -2.05 -14.55
C LEU D 54 28.51 -2.49 -15.28
N ARG D 55 29.11 -1.59 -16.04
CA ARG D 55 30.30 -1.93 -16.85
C ARG D 55 31.64 -1.69 -16.15
N PRO D 60 31.70 4.30 -17.38
CA PRO D 60 33.07 4.77 -17.20
C PRO D 60 33.21 5.75 -16.04
N LYS D 61 32.89 7.03 -16.27
CA LYS D 61 33.00 8.06 -15.24
C LYS D 61 31.64 8.55 -14.73
N ALA D 62 30.71 8.77 -15.65
CA ALA D 62 29.36 9.25 -15.31
C ALA D 62 28.57 8.26 -14.47
N ASN D 63 29.10 7.05 -14.35
CA ASN D 63 28.54 6.02 -13.46
C ASN D 63 28.58 6.44 -11.98
N LYS D 64 29.49 7.35 -11.65
CA LYS D 64 29.64 7.86 -10.28
C LYS D 64 28.37 8.56 -9.80
N GLU D 65 27.78 9.37 -10.69
CA GLU D 65 26.57 10.14 -10.41
C GLU D 65 25.41 9.20 -10.11
N ILE D 66 25.27 8.17 -10.96
CA ILE D 66 24.30 7.10 -10.78
C ILE D 66 24.27 6.62 -9.33
N LEU D 67 25.45 6.36 -8.78
CA LEU D 67 25.58 5.97 -7.39
C LEU D 67 25.33 7.15 -6.44
N ASP D 68 26.10 8.21 -6.60
CA ASP D 68 26.06 9.36 -5.69
C ASP D 68 24.81 10.25 -5.92
N GLU D 69 23.71 9.58 -6.29
CA GLU D 69 22.38 10.18 -6.23
C GLU D 69 21.42 9.22 -5.51
N ALA D 70 21.63 7.92 -5.69
CA ALA D 70 20.85 6.91 -5.00
C ALA D 70 21.20 6.88 -3.51
N TYR D 71 22.37 7.42 -3.18
CA TYR D 71 22.77 7.64 -1.78
C TYR D 71 21.85 8.65 -1.10
N VAL D 72 21.10 9.38 -1.91
CA VAL D 72 20.12 10.38 -1.44
C VAL D 72 18.75 9.74 -1.18
N MET D 73 18.59 8.47 -1.59
CA MET D 73 17.33 7.73 -1.39
C MET D 73 17.29 7.00 -0.03
N ALA D 74 18.38 7.08 0.72
CA ALA D 74 18.53 6.39 2.00
C ALA D 74 17.85 7.14 3.15
N GLY D 75 17.34 6.38 4.12
CA GLY D 75 16.79 6.93 5.37
C GLY D 75 15.34 7.33 5.30
N VAL D 76 15.10 8.65 5.35
CA VAL D 76 13.75 9.19 5.16
C VAL D 76 13.42 9.28 3.66
N GLY D 77 12.66 8.30 3.18
CA GLY D 77 12.32 8.19 1.78
C GLY D 77 10.83 8.20 1.50
N SER D 78 10.49 8.09 0.21
CA SER D 78 9.11 8.08 -0.25
C SER D 78 8.60 6.64 -0.30
N PRO D 79 7.29 6.46 -0.09
CA PRO D 79 6.67 5.15 -0.36
C PRO D 79 6.64 4.84 -1.87
N TYR D 80 6.89 5.86 -2.68
CA TYR D 80 6.66 5.76 -4.12
C TYR D 80 7.94 5.91 -4.98
N VAL D 81 9.09 5.84 -4.33
CA VAL D 81 10.38 5.73 -5.04
C VAL D 81 11.07 4.42 -4.67
N SER D 82 11.64 3.75 -5.67
CA SER D 82 12.40 2.54 -5.44
C SER D 82 13.72 2.91 -4.75
N ARG D 83 13.80 2.60 -3.45
CA ARG D 83 15.03 2.82 -2.70
C ARG D 83 15.99 1.67 -2.97
N LEU D 84 17.27 1.99 -2.99
CA LEU D 84 18.32 0.99 -3.13
C LEU D 84 18.70 0.47 -1.73
N LEU D 85 18.70 -0.85 -1.55
CA LEU D 85 18.98 -1.43 -0.24
C LEU D 85 20.48 -1.51 0.02
N GLY D 86 21.23 -1.95 -0.99
CA GLY D 86 22.67 -2.10 -0.87
C GLY D 86 23.42 -2.13 -2.18
N ILE D 87 24.75 -2.19 -2.07
CA ILE D 87 25.65 -2.17 -3.20
C ILE D 87 26.55 -3.37 -3.13
N CYS D 88 26.85 -3.96 -4.28
CA CYS D 88 27.89 -4.97 -4.33
C CYS D 88 28.98 -4.60 -5.31
N LEU D 89 30.17 -4.41 -4.76
CA LEU D 89 31.31 -4.01 -5.57
C LEU D 89 32.19 -5.19 -5.90
N THR D 90 32.04 -5.67 -7.12
CA THR D 90 32.89 -6.72 -7.65
C THR D 90 33.94 -6.03 -8.50
N SER D 91 34.23 -6.54 -9.69
CA SER D 91 34.97 -5.76 -10.68
C SER D 91 33.97 -4.81 -11.35
N THR D 92 32.69 -5.07 -11.09
CA THR D 92 31.59 -4.19 -11.50
C THR D 92 30.73 -3.79 -10.29
N VAL D 93 29.57 -3.24 -10.55
CA VAL D 93 28.74 -2.69 -9.51
C VAL D 93 27.32 -3.19 -9.62
N GLN D 94 26.86 -3.83 -8.55
CA GLN D 94 25.50 -4.33 -8.43
C GLN D 94 24.66 -3.36 -7.61
N LEU D 95 23.58 -2.89 -8.23
CA LEU D 95 22.64 -2.02 -7.56
C LEU D 95 21.47 -2.87 -7.07
N VAL D 96 21.46 -3.13 -5.77
CA VAL D 96 20.47 -4.03 -5.15
C VAL D 96 19.25 -3.28 -4.65
N THR D 97 18.09 -3.65 -5.20
CA THR D 97 16.82 -3.03 -4.85
C THR D 97 15.73 -4.11 -4.78
N GLN D 98 14.71 -3.84 -3.98
CA GLN D 98 13.64 -4.81 -3.73
C GLN D 98 12.86 -5.16 -4.99
N LEU D 99 12.63 -6.46 -5.19
CA LEU D 99 11.89 -6.93 -6.35
C LEU D 99 10.42 -6.51 -6.26
N MET D 100 9.97 -5.74 -7.24
CA MET D 100 8.55 -5.47 -7.39
C MET D 100 7.92 -6.64 -8.16
N PRO D 101 6.90 -7.28 -7.57
CA PRO D 101 6.35 -8.52 -8.09
C PRO D 101 5.66 -8.40 -9.45
N TYR D 102 4.88 -7.33 -9.63
CA TYR D 102 4.02 -7.20 -10.81
C TYR D 102 4.66 -6.54 -12.06
N GLY D 103 5.99 -6.49 -12.09
CA GLY D 103 6.74 -6.03 -13.27
C GLY D 103 6.61 -4.55 -13.56
N CYS D 104 7.08 -4.12 -14.73
CA CYS D 104 7.00 -2.71 -15.11
C CYS D 104 5.58 -2.33 -15.55
N LEU D 105 5.14 -1.16 -15.09
CA LEU D 105 3.76 -0.71 -15.27
C LEU D 105 3.30 -0.68 -16.72
N LEU D 106 4.23 -0.35 -17.62
CA LEU D 106 3.95 -0.30 -19.06
C LEU D 106 3.50 -1.66 -19.58
N ASP D 107 4.30 -2.68 -19.31
CA ASP D 107 3.96 -4.05 -19.68
C ASP D 107 2.62 -4.46 -19.05
N HIS D 108 2.43 -4.06 -17.81
CA HIS D 108 1.27 -4.48 -17.04
C HIS D 108 0.00 -3.84 -17.56
N VAL D 109 0.03 -2.52 -17.74
CA VAL D 109 -1.12 -1.79 -18.25
C VAL D 109 -1.53 -2.35 -19.62
N ARG D 110 -0.52 -2.71 -20.42
CA ARG D 110 -0.70 -3.28 -21.76
C ARG D 110 -1.41 -4.62 -21.70
N GLU D 111 -1.02 -5.46 -20.74
CA GLU D 111 -1.61 -6.78 -20.56
C GLU D 111 -3.09 -6.76 -20.18
N ASN D 112 -3.47 -5.84 -19.31
CA ASN D 112 -4.83 -5.80 -18.78
C ASN D 112 -5.64 -4.63 -19.34
N ARG D 113 -6.65 -4.92 -20.15
CA ARG D 113 -7.49 -3.86 -20.67
C ARG D 113 -8.84 -3.82 -19.94
N GLY D 114 -9.60 -4.90 -20.03
CA GLY D 114 -10.94 -4.92 -19.47
C GLY D 114 -10.97 -4.75 -17.96
N ARG D 115 -10.24 -5.64 -17.28
CA ARG D 115 -10.23 -5.73 -15.81
C ARG D 115 -9.96 -4.39 -15.12
N LEU D 116 -9.08 -3.58 -15.73
CA LEU D 116 -8.67 -2.31 -15.17
C LEU D 116 -9.80 -1.30 -14.98
N GLY D 117 -9.78 -0.65 -13.82
CA GLY D 117 -10.82 0.32 -13.45
C GLY D 117 -10.30 1.73 -13.49
N SER D 118 -11.20 2.69 -13.37
CA SER D 118 -10.83 4.11 -13.38
C SER D 118 -10.14 4.47 -12.09
N GLN D 119 -10.54 3.78 -11.02
CA GLN D 119 -9.97 3.98 -9.70
C GLN D 119 -8.52 3.56 -9.64
N ASP D 120 -8.18 2.54 -10.40
CA ASP D 120 -6.84 1.99 -10.41
C ASP D 120 -5.88 2.87 -11.20
N LEU D 121 -6.41 3.57 -12.22
CA LEU D 121 -5.58 4.48 -13.02
C LEU D 121 -5.37 5.80 -12.30
N LEU D 122 -6.45 6.39 -11.80
CA LEU D 122 -6.38 7.59 -10.99
C LEU D 122 -5.54 7.34 -9.75
N ASN D 123 -5.71 6.15 -9.18
CA ASN D 123 -4.88 5.68 -8.07
C ASN D 123 -3.39 5.90 -8.35
N TRP D 124 -2.93 5.48 -9.54
CA TRP D 124 -1.53 5.49 -9.90
C TRP D 124 -0.94 6.87 -10.16
N CYS D 125 -1.58 7.65 -11.04
CA CYS D 125 -1.12 9.01 -11.36
C CYS D 125 -0.97 9.86 -10.11
N MET D 126 -1.83 9.64 -9.13
CA MET D 126 -1.72 10.31 -7.84
C MET D 126 -0.36 9.97 -7.23
N GLN D 127 -0.14 8.69 -7.01
CA GLN D 127 1.07 8.17 -6.40
C GLN D 127 2.33 8.65 -7.12
N ILE D 128 2.33 8.56 -8.45
CA ILE D 128 3.50 8.91 -9.26
C ILE D 128 3.91 10.35 -9.00
N ALA D 129 2.96 11.26 -9.10
CA ALA D 129 3.19 12.67 -8.78
C ALA D 129 3.66 12.83 -7.35
N LYS D 130 3.05 12.07 -6.43
CA LYS D 130 3.47 12.03 -5.04
C LYS D 130 4.95 11.67 -4.94
N GLY D 131 5.33 10.57 -5.60
CA GLY D 131 6.72 10.11 -5.63
C GLY D 131 7.65 11.10 -6.32
N MET D 132 7.14 11.76 -7.35
CA MET D 132 7.87 12.78 -8.09
C MET D 132 8.09 14.04 -7.25
N SER D 133 7.06 14.41 -6.49
CA SER D 133 7.14 15.49 -5.52
C SER D 133 8.40 15.34 -4.64
N TYR D 134 8.58 14.14 -4.09
CA TYR D 134 9.72 13.81 -3.22
C TYR D 134 11.09 14.11 -3.84
N LEU D 135 11.26 13.82 -5.12
CA LEU D 135 12.53 14.05 -5.79
C LEU D 135 12.80 15.53 -5.95
N GLU D 136 11.74 16.31 -6.12
CA GLU D 136 11.85 17.77 -6.17
C GLU D 136 12.22 18.30 -4.78
N ASP D 137 11.85 17.56 -3.74
CA ASP D 137 12.17 17.95 -2.38
C ASP D 137 13.63 17.67 -2.02
N VAL D 138 14.15 16.54 -2.51
CA VAL D 138 15.57 16.22 -2.34
C VAL D 138 16.42 16.88 -3.42
N ARG D 139 15.80 17.76 -4.19
CA ARG D 139 16.44 18.53 -5.25
C ARG D 139 17.04 17.66 -6.37
N LEU D 140 16.43 16.52 -6.65
CA LEU D 140 16.94 15.57 -7.64
C LEU D 140 16.02 15.49 -8.86
N VAL D 141 16.55 15.81 -10.04
CA VAL D 141 15.75 15.80 -11.28
C VAL D 141 15.88 14.48 -12.02
N HIS D 142 14.80 13.72 -12.11
CA HIS D 142 14.81 12.39 -12.70
C HIS D 142 15.48 12.38 -14.07
N ARG D 143 14.95 13.20 -14.98
CA ARG D 143 15.32 13.26 -16.40
C ARG D 143 14.50 12.29 -17.26
N ASP D 144 14.50 11.01 -16.91
CA ASP D 144 13.92 9.96 -17.76
C ASP D 144 12.66 9.32 -17.19
N LEU D 145 11.55 10.03 -17.33
CA LEU D 145 10.27 9.48 -16.91
C LEU D 145 9.43 8.96 -18.06
N ALA D 146 9.04 7.70 -17.95
CA ALA D 146 8.13 7.05 -18.88
C ALA D 146 7.49 5.86 -18.15
N ALA D 147 6.43 5.30 -18.76
CA ALA D 147 5.73 4.16 -18.19
C ALA D 147 6.68 2.99 -17.93
N ARG D 148 7.62 2.79 -18.85
CA ARG D 148 8.65 1.77 -18.74
C ARG D 148 9.51 1.90 -17.48
N ASN D 149 9.53 3.09 -16.89
CA ASN D 149 10.33 3.35 -15.70
C ASN D 149 9.52 3.41 -14.41
N VAL D 150 8.29 2.92 -14.47
CA VAL D 150 7.44 2.81 -13.28
C VAL D 150 7.24 1.34 -12.95
N LEU D 151 7.33 1.00 -11.67
CA LEU D 151 7.21 -0.38 -11.23
C LEU D 151 5.91 -0.60 -10.47
N VAL D 152 5.46 -1.85 -10.41
CA VAL D 152 4.24 -2.19 -9.68
C VAL D 152 4.50 -3.12 -8.53
N LYS D 153 4.25 -2.64 -7.32
CA LYS D 153 4.33 -3.46 -6.12
C LYS D 153 3.02 -4.21 -5.86
N SER D 154 1.91 -3.65 -6.36
CA SER D 154 0.56 -4.19 -6.18
C SER D 154 -0.42 -3.33 -6.96
N PRO D 155 -1.61 -3.88 -7.29
CA PRO D 155 -2.64 -3.12 -8.01
C PRO D 155 -3.03 -1.76 -7.40
N ASN D 156 -2.67 -1.52 -6.14
CA ASN D 156 -2.83 -0.20 -5.51
C ASN D 156 -1.54 0.36 -4.89
N HIS D 157 -0.41 -0.05 -5.46
CA HIS D 157 0.91 0.50 -5.07
C HIS D 157 1.94 0.40 -6.19
N VAL D 158 2.56 1.53 -6.48
CA VAL D 158 3.59 1.63 -7.52
C VAL D 158 4.80 2.46 -7.06
N LYS D 159 5.93 2.31 -7.75
CA LYS D 159 7.16 3.05 -7.43
C LYS D 159 7.90 3.45 -8.72
N ILE D 160 8.74 4.48 -8.65
CA ILE D 160 9.49 4.93 -9.82
C ILE D 160 10.97 4.56 -9.72
N THR D 161 11.66 4.54 -10.85
CA THR D 161 13.12 4.32 -10.85
C THR D 161 13.82 4.75 -12.16
N ASP D 162 15.08 4.32 -12.32
CA ASP D 162 15.89 4.55 -13.53
C ASP D 162 16.28 6.03 -13.69
N PHE D 163 16.48 6.69 -12.53
CA PHE D 163 16.74 8.12 -12.40
C PHE D 163 17.86 8.69 -13.29
N GLY D 164 17.62 8.76 -14.60
CA GLY D 164 18.57 9.34 -15.57
C GLY D 164 20.06 9.19 -15.30
N VAL D 183 18.46 8.95 -26.19
CA VAL D 183 17.64 7.91 -26.82
C VAL D 183 16.13 8.24 -26.75
N PRO D 184 15.56 8.41 -25.53
CA PRO D 184 14.10 8.63 -25.42
C PRO D 184 13.69 10.06 -25.74
N ILE D 185 13.49 10.34 -27.02
CA ILE D 185 13.21 11.70 -27.48
C ILE D 185 11.78 12.15 -27.21
N LYS D 186 10.83 11.23 -27.37
CA LYS D 186 9.40 11.54 -27.46
C LYS D 186 8.72 11.94 -26.14
N TRP D 187 9.34 11.62 -25.02
CA TRP D 187 8.81 11.99 -23.70
C TRP D 187 9.29 13.36 -23.19
N MET D 188 10.26 13.96 -23.87
CA MET D 188 10.95 15.16 -23.38
C MET D 188 10.27 16.48 -23.69
N ALA D 189 10.40 17.43 -22.77
CA ALA D 189 9.99 18.81 -23.01
C ALA D 189 10.80 19.39 -24.15
N LEU D 190 10.31 20.46 -24.75
CA LEU D 190 10.97 21.07 -25.89
C LEU D 190 12.37 21.59 -25.53
N GLU D 191 12.47 22.25 -24.38
CA GLU D 191 13.73 22.87 -23.97
C GLU D 191 14.81 21.86 -23.60
N SER D 192 14.40 20.63 -23.36
CA SER D 192 15.34 19.56 -23.14
C SER D 192 15.80 19.12 -24.51
N ILE D 193 14.87 19.16 -25.45
CA ILE D 193 15.14 18.78 -26.82
C ILE D 193 16.05 19.81 -27.50
N LEU D 194 15.61 21.07 -27.57
CA LEU D 194 16.34 22.12 -28.30
C LEU D 194 17.56 22.70 -27.56
N ARG D 195 17.59 22.56 -26.23
CA ARG D 195 18.67 23.13 -25.39
C ARG D 195 19.30 22.16 -24.39
N ARG D 196 18.93 20.89 -24.42
CA ARG D 196 19.42 19.91 -23.42
C ARG D 196 19.40 20.47 -21.99
N ARG D 197 18.28 21.09 -21.62
CA ARG D 197 18.07 21.62 -20.27
C ARG D 197 17.04 20.77 -19.54
N PHE D 198 17.40 20.30 -18.35
CA PHE D 198 16.56 19.37 -17.61
C PHE D 198 16.20 19.87 -16.23
N THR D 199 15.03 20.48 -16.09
CA THR D 199 14.53 20.87 -14.78
C THR D 199 13.36 20.01 -14.36
N HIS D 200 12.81 20.32 -13.20
CA HIS D 200 11.62 19.67 -12.73
C HIS D 200 10.47 20.04 -13.66
N GLN D 201 10.52 21.26 -14.18
CA GLN D 201 9.56 21.74 -15.16
C GLN D 201 9.57 20.79 -16.35
N SER D 202 10.77 20.55 -16.88
CA SER D 202 10.94 19.65 -18.00
C SER D 202 10.37 18.26 -17.70
N ASP D 203 10.30 17.90 -16.43
CA ASP D 203 9.79 16.60 -16.03
C ASP D 203 8.28 16.51 -15.93
N VAL D 204 7.63 17.61 -15.53
CA VAL D 204 6.17 17.65 -15.54
C VAL D 204 5.70 17.27 -16.95
N TRP D 205 6.36 17.84 -17.95
CA TRP D 205 6.07 17.55 -19.35
C TRP D 205 6.13 16.06 -19.57
N SER D 206 7.17 15.43 -19.03
CA SER D 206 7.35 13.99 -19.17
C SER D 206 6.23 13.23 -18.45
N TYR D 207 5.83 13.74 -17.28
CA TYR D 207 4.77 13.11 -16.49
C TYR D 207 3.45 13.01 -17.28
N GLY D 208 3.08 14.11 -17.93
CA GLY D 208 1.94 14.12 -18.84
C GLY D 208 1.99 12.96 -19.81
N VAL D 209 3.10 12.84 -20.53
CA VAL D 209 3.26 11.78 -21.53
C VAL D 209 2.99 10.44 -20.88
N THR D 210 3.54 10.26 -19.68
CA THR D 210 3.30 9.07 -18.88
C THR D 210 1.81 8.88 -18.58
N VAL D 211 1.12 9.95 -18.21
CA VAL D 211 -0.32 9.88 -17.96
C VAL D 211 -1.06 9.42 -19.22
N TRP D 212 -0.66 9.97 -20.36
CA TRP D 212 -1.27 9.62 -21.65
C TRP D 212 -1.05 8.16 -21.97
N GLU D 213 0.23 7.73 -21.89
CA GLU D 213 0.64 6.32 -22.04
C GLU D 213 -0.28 5.38 -21.30
N LEU D 214 -0.52 5.69 -20.02
CA LEU D 214 -1.44 4.93 -19.18
C LEU D 214 -2.85 4.98 -19.74
N MET D 215 -3.37 6.18 -19.93
CA MET D 215 -4.74 6.34 -20.35
C MET D 215 -5.00 5.73 -21.72
N THR D 216 -3.94 5.34 -22.41
CA THR D 216 -4.07 4.71 -23.71
C THR D 216 -3.84 3.20 -23.64
N PHE D 217 -3.68 2.71 -22.41
CA PHE D 217 -3.35 1.30 -22.14
C PHE D 217 -2.00 0.91 -22.75
N GLY D 218 -1.06 1.84 -22.73
CA GLY D 218 0.27 1.59 -23.25
C GLY D 218 0.36 1.72 -24.75
N ALA D 219 -0.29 2.76 -25.29
CA ALA D 219 -0.12 3.12 -26.69
C ALA D 219 1.19 3.88 -26.86
N LYS D 220 1.82 3.70 -28.01
CA LYS D 220 3.09 4.37 -28.30
C LYS D 220 2.89 5.84 -28.66
N PRO D 221 3.53 6.76 -27.89
CA PRO D 221 3.50 8.18 -28.21
C PRO D 221 3.93 8.44 -29.66
N TYR D 222 3.03 9.04 -30.43
CA TYR D 222 3.31 9.45 -31.81
C TYR D 222 3.73 8.27 -32.66
N ASP D 223 2.91 7.22 -32.67
CA ASP D 223 3.26 6.00 -33.39
C ASP D 223 3.48 6.27 -34.87
N GLY D 224 4.74 6.22 -35.29
CA GLY D 224 5.11 6.32 -36.70
C GLY D 224 5.44 7.71 -37.21
N ILE D 225 6.02 8.53 -36.34
CA ILE D 225 6.48 9.87 -36.71
C ILE D 225 8.00 10.00 -36.54
N PRO D 226 8.73 10.16 -37.67
CA PRO D 226 10.19 10.32 -37.63
C PRO D 226 10.61 11.39 -36.61
N ALA D 227 11.58 11.05 -35.76
CA ALA D 227 11.98 11.83 -34.58
C ALA D 227 12.18 13.36 -34.78
N ARG D 228 12.88 13.79 -35.82
CA ARG D 228 13.18 15.21 -35.98
C ARG D 228 11.98 16.08 -36.36
N GLU D 229 10.90 15.45 -36.82
CA GLU D 229 9.65 16.15 -37.17
C GLU D 229 9.03 16.78 -35.94
N ILE D 230 9.30 16.16 -34.80
CA ILE D 230 8.70 16.50 -33.51
C ILE D 230 8.87 17.98 -33.10
N PRO D 231 10.13 18.48 -32.97
CA PRO D 231 10.34 19.92 -32.75
C PRO D 231 9.35 20.82 -33.53
N ASP D 232 9.26 20.63 -34.85
CA ASP D 232 8.36 21.40 -35.70
C ASP D 232 6.89 21.24 -35.32
N LEU D 233 6.44 20.01 -35.22
CA LEU D 233 5.05 19.72 -34.92
C LEU D 233 4.69 20.23 -33.53
N LEU D 234 5.59 20.03 -32.57
CA LEU D 234 5.41 20.59 -31.24
C LEU D 234 5.33 22.11 -31.24
N GLU D 235 6.12 22.75 -32.10
CA GLU D 235 6.17 24.21 -32.10
C GLU D 235 4.90 24.86 -32.64
N LYS D 236 4.21 24.20 -33.58
CA LYS D 236 2.95 24.76 -34.10
C LYS D 236 1.71 24.24 -33.39
N GLY D 237 1.88 23.88 -32.13
CA GLY D 237 0.75 23.56 -31.29
C GLY D 237 0.38 22.10 -31.21
N GLU D 238 0.85 21.29 -32.17
CA GLU D 238 0.53 19.86 -32.19
C GLU D 238 0.87 19.17 -30.86
N ARG D 239 -0.10 18.40 -30.33
CA ARG D 239 0.07 17.62 -29.10
C ARG D 239 -0.71 16.31 -29.22
N LEU D 240 -0.38 15.33 -28.37
CA LEU D 240 -1.04 14.02 -28.36
C LEU D 240 -2.53 14.17 -28.10
N PRO D 241 -3.36 13.31 -28.73
CA PRO D 241 -4.82 13.46 -28.64
C PRO D 241 -5.40 12.82 -27.40
N GLN D 242 -6.65 13.17 -27.11
CA GLN D 242 -7.36 12.64 -25.95
C GLN D 242 -7.42 11.11 -25.99
N PRO D 243 -6.95 10.46 -24.92
CA PRO D 243 -7.16 9.03 -24.81
C PRO D 243 -8.65 8.72 -24.81
N PRO D 244 -9.06 7.67 -25.54
CA PRO D 244 -10.48 7.38 -25.76
C PRO D 244 -11.31 7.28 -24.46
N ILE D 245 -10.62 7.07 -23.35
CA ILE D 245 -11.27 6.85 -22.04
C ILE D 245 -11.30 8.10 -21.14
N CYS D 246 -10.60 9.15 -21.56
CA CYS D 246 -10.57 10.40 -20.82
C CYS D 246 -11.75 11.31 -21.10
N THR D 247 -12.32 11.85 -20.04
CA THR D 247 -13.23 12.98 -20.17
C THR D 247 -12.33 14.17 -20.25
N ILE D 248 -12.82 15.22 -20.89
CA ILE D 248 -12.04 16.42 -21.15
C ILE D 248 -11.30 16.97 -19.92
N ASP D 249 -11.84 16.72 -18.73
CA ASP D 249 -11.25 17.18 -17.47
C ASP D 249 -9.80 16.72 -17.33
N VAL D 250 -9.62 15.39 -17.30
CA VAL D 250 -8.33 14.72 -17.16
C VAL D 250 -7.35 15.23 -18.19
N TYR D 251 -7.87 15.57 -19.36
CA TYR D 251 -7.06 15.93 -20.51
C TYR D 251 -6.59 17.38 -20.49
N MET D 252 -7.34 18.25 -19.81
CA MET D 252 -6.95 19.65 -19.58
C MET D 252 -5.79 19.77 -18.61
N ILE D 253 -5.64 18.77 -17.76
CA ILE D 253 -4.50 18.65 -16.88
C ILE D 253 -3.28 18.30 -17.73
N MET D 254 -3.37 17.17 -18.44
CA MET D 254 -2.31 16.70 -19.33
C MET D 254 -1.79 17.79 -20.28
N VAL D 255 -2.69 18.56 -20.88
CA VAL D 255 -2.31 19.56 -21.87
C VAL D 255 -1.44 20.66 -21.28
N LYS D 256 -1.76 21.07 -20.06
CA LYS D 256 -0.98 22.08 -19.37
C LYS D 256 0.41 21.56 -18.99
N CYS D 257 0.58 20.25 -18.99
CA CYS D 257 1.90 19.67 -18.77
C CYS D 257 2.79 19.93 -19.98
N TRP D 258 2.17 19.97 -21.16
CA TRP D 258 2.92 20.08 -22.38
C TRP D 258 3.03 21.53 -22.88
N MET D 259 3.25 22.46 -21.95
CA MET D 259 3.38 23.87 -22.29
C MET D 259 4.76 24.20 -22.81
N ILE D 260 4.80 25.10 -23.78
CA ILE D 260 6.05 25.66 -24.27
C ILE D 260 6.65 26.50 -23.15
N ASP D 261 5.86 27.42 -22.63
CA ASP D 261 6.29 28.27 -21.53
C ASP D 261 6.38 27.43 -20.27
N SER D 262 7.59 26.99 -19.99
CA SER D 262 7.89 26.04 -18.92
C SER D 262 7.28 26.37 -17.55
N GLU D 263 7.09 27.66 -17.27
CA GLU D 263 6.53 28.06 -15.99
C GLU D 263 5.01 28.06 -15.94
N CYS D 264 4.37 27.86 -17.09
CA CYS D 264 2.94 27.64 -17.15
C CYS D 264 2.58 26.18 -16.84
N ARG D 265 3.60 25.31 -16.78
CA ARG D 265 3.40 23.91 -16.43
C ARG D 265 3.13 23.79 -14.94
N PRO D 266 2.11 23.01 -14.55
CA PRO D 266 1.74 22.86 -13.15
C PRO D 266 2.86 22.31 -12.26
N ARG D 267 2.74 22.57 -10.96
CA ARG D 267 3.66 22.06 -9.95
C ARG D 267 3.32 20.62 -9.61
N PHE D 268 4.32 19.86 -9.16
CA PHE D 268 4.08 18.49 -8.75
C PHE D 268 3.23 18.41 -7.49
N ARG D 269 3.53 19.24 -6.49
CA ARG D 269 2.72 19.33 -5.27
C ARG D 269 1.26 19.55 -5.64
N GLU D 270 1.07 20.22 -6.79
CA GLU D 270 -0.24 20.61 -7.28
C GLU D 270 -0.94 19.48 -8.05
N LEU D 271 -0.19 18.75 -8.87
CA LEU D 271 -0.74 17.61 -9.61
C LEU D 271 -1.22 16.53 -8.66
N VAL D 272 -0.53 16.41 -7.52
CA VAL D 272 -0.98 15.56 -6.44
C VAL D 272 -2.37 16.01 -6.02
N SER D 273 -2.51 17.31 -5.75
CA SER D 273 -3.76 17.87 -5.25
C SER D 273 -4.93 17.67 -6.23
N GLU D 274 -4.62 17.73 -7.53
CA GLU D 274 -5.60 17.53 -8.59
C GLU D 274 -6.06 16.07 -8.73
N PHE D 275 -5.09 15.17 -8.92
CA PHE D 275 -5.35 13.75 -9.09
C PHE D 275 -5.84 13.05 -7.81
N SER D 276 -5.76 13.73 -6.67
CA SER D 276 -6.35 13.23 -5.43
C SER D 276 -7.81 13.67 -5.43
N ARG D 277 -8.02 14.97 -5.62
CA ARG D 277 -9.34 15.55 -5.83
C ARG D 277 -10.16 14.65 -6.78
N MET D 278 -9.49 14.06 -7.77
CA MET D 278 -10.12 13.18 -8.76
C MET D 278 -10.20 11.72 -8.31
N ALA D 279 -9.24 11.31 -7.49
CA ALA D 279 -9.13 9.93 -7.02
C ALA D 279 -10.44 9.42 -6.43
N ARG D 280 -11.04 10.25 -5.58
CA ARG D 280 -12.27 9.92 -4.85
C ARG D 280 -13.40 9.42 -5.76
N ASP D 281 -13.89 10.27 -6.66
CA ASP D 281 -14.89 9.84 -7.63
C ASP D 281 -14.22 9.60 -8.98
N PRO D 282 -13.67 8.39 -9.18
CA PRO D 282 -12.95 8.13 -10.40
C PRO D 282 -13.87 7.90 -11.59
N GLN D 283 -15.03 7.30 -11.34
CA GLN D 283 -15.98 6.92 -12.37
C GLN D 283 -16.45 8.13 -13.19
N ARG D 284 -16.51 9.28 -12.52
CA ARG D 284 -16.85 10.54 -13.13
C ARG D 284 -15.80 10.98 -14.15
N PHE D 285 -14.52 10.84 -13.79
CA PHE D 285 -13.45 11.46 -14.55
C PHE D 285 -12.85 10.63 -15.68
N VAL D 286 -12.76 9.31 -15.51
CA VAL D 286 -12.30 8.40 -16.56
C VAL D 286 -13.36 7.33 -16.80
N VAL D 287 -13.92 7.30 -18.01
CA VAL D 287 -15.03 6.40 -18.33
C VAL D 287 -14.58 5.08 -18.98
N ILE D 288 -15.12 3.96 -18.50
CA ILE D 288 -14.69 2.64 -18.94
C ILE D 288 -15.86 1.71 -19.31
N GLN D 289 -15.67 0.94 -20.39
CA GLN D 289 -16.61 -0.11 -20.77
C GLN D 289 -16.34 -1.38 -19.95
N ASN D 290 -17.41 -1.98 -19.45
CA ASN D 290 -17.29 -3.14 -18.57
C ASN D 290 -17.89 -4.40 -19.18
N LEU D 299 -7.29 -9.77 -11.51
CA LEU D 299 -5.88 -9.81 -11.13
C LEU D 299 -5.08 -10.57 -12.17
N ASP D 300 -4.03 -9.94 -12.72
CA ASP D 300 -3.10 -10.63 -13.63
C ASP D 300 -1.88 -9.82 -14.12
N SER D 301 -0.75 -10.52 -14.25
CA SER D 301 0.42 -10.06 -14.99
C SER D 301 1.26 -11.26 -15.38
N THR D 302 1.65 -11.33 -16.65
CA THR D 302 2.51 -12.40 -17.16
C THR D 302 3.83 -12.42 -16.40
N PHE D 303 4.22 -11.26 -15.89
CA PHE D 303 5.45 -11.13 -15.13
C PHE D 303 5.36 -11.89 -13.81
N TYR D 304 4.43 -11.49 -12.95
CA TYR D 304 4.17 -12.14 -11.67
C TYR D 304 4.11 -13.63 -11.86
N ARG D 305 3.50 -14.03 -12.97
CA ARG D 305 3.32 -15.44 -13.32
C ARG D 305 4.63 -16.14 -13.64
N SER D 306 5.34 -15.67 -14.65
CA SER D 306 6.68 -16.16 -14.99
C SER D 306 7.61 -16.12 -13.77
N LEU D 307 7.24 -15.33 -12.77
CA LEU D 307 8.01 -15.21 -11.53
C LEU D 307 7.85 -16.39 -10.54
N LEU D 308 6.86 -17.25 -10.75
CA LEU D 308 6.60 -18.33 -9.81
C LEU D 308 7.51 -19.53 -10.05
N GLU D 309 8.41 -19.77 -9.08
CA GLU D 309 9.43 -20.82 -9.14
C GLU D 309 9.50 -21.65 -7.87
#